data_6DI4
#
_entry.id   6DI4
#
_cell.length_a   62.696
_cell.length_b   83.404
_cell.length_c   104.934
_cell.angle_alpha   90.00
_cell.angle_beta   90.00
_cell.angle_gamma   90.00
#
_symmetry.space_group_name_H-M   'P 21 21 21'
#
loop_
_entity.id
_entity.type
_entity.pdbx_description
1 polymer 'Hemoglobin subunit alpha'
2 polymer 'Hemoglobin subunit beta'
3 non-polymer 'CARBON MONOXIDE'
4 non-polymer 'PROTOPORPHYRIN IX CONTAINING FE'
5 non-polymer {6-[(4-methoxy-2-methylphenoxy)methyl]pyridin-2-yl}methanol
6 water water
#
loop_
_entity_poly.entity_id
_entity_poly.type
_entity_poly.pdbx_seq_one_letter_code
_entity_poly.pdbx_strand_id
1 'polypeptide(L)'
;VLSPADKTNVKAAWGKVGAHAGEYGAEALERMFLSFPTTKTYFPHFDLSHGSAQVKGHGKKVADALTNAVAHVDDMPNAL
SALSDLHAHKLRVDPVNFKLLSHCLLVTLAAHLPAEFTPAVHASLDKFLASVSTVLTSKYR
;
A,C
2 'polypeptide(L)'
;VHLTPEEKSAVTALWGKVNVDEVGGEALGRLLVVYPWTQRFFESFGDLSTPDAVMGNPKVKAHGKKVLGAFSDGLAHLDN
LKGTFATLSELHCDKLHVDPENFRLLGNVLVCVLAHHFGKEFTPPVQAAYQKVVAGVANALAHKYH
;
B,D
#
loop_
_chem_comp.id
_chem_comp.type
_chem_comp.name
_chem_comp.formula
CMO non-polymer 'CARBON MONOXIDE' 'C O'
GJ1 non-polymer {6-[(4-methoxy-2-methylphenoxy)methyl]pyridin-2-yl}methanol 'C15 H17 N O3'
HEM non-polymer 'PROTOPORPHYRIN IX CONTAINING FE' 'C34 H32 Fe N4 O4'
#
# COMPACT_ATOMS: atom_id res chain seq x y z
N VAL A 1 5.30 1.12 14.06
CA VAL A 1 5.73 1.15 15.46
C VAL A 1 6.30 -0.20 15.90
N LEU A 2 7.55 -0.20 16.31
CA LEU A 2 8.23 -1.42 16.74
C LEU A 2 8.08 -1.65 18.24
N SER A 3 7.89 -2.91 18.60
CA SER A 3 7.74 -3.31 19.99
C SER A 3 9.14 -3.59 20.53
N PRO A 4 9.27 -3.72 21.86
CA PRO A 4 10.59 -3.99 22.42
C PRO A 4 11.13 -5.30 21.83
N ALA A 5 10.21 -6.23 21.55
CA ALA A 5 10.57 -7.51 20.98
C ALA A 5 11.09 -7.35 19.54
N ASP A 6 10.43 -6.52 18.75
CA ASP A 6 10.86 -6.30 17.37
C ASP A 6 12.29 -5.78 17.36
N LYS A 7 12.56 -4.82 18.24
CA LYS A 7 13.87 -4.21 18.32
C LYS A 7 14.95 -5.22 18.64
N THR A 8 14.71 -6.09 19.61
CA THR A 8 15.70 -7.10 19.96
C THR A 8 15.82 -8.15 18.85
N ASN A 9 14.71 -8.46 18.18
CA ASN A 9 14.76 -9.44 17.08
C ASN A 9 15.61 -8.93 15.93
N VAL A 10 15.44 -7.65 15.60
CA VAL A 10 16.19 -7.06 14.51
C VAL A 10 17.68 -6.95 14.84
N LYS A 11 17.99 -6.56 16.07
CA LYS A 11 19.38 -6.42 16.48
C LYS A 11 20.10 -7.77 16.44
N ALA A 12 19.45 -8.81 16.95
CA ALA A 12 20.07 -10.13 16.93
C ALA A 12 20.29 -10.65 15.51
N ALA A 13 19.26 -10.53 14.67
CA ALA A 13 19.32 -11.00 13.30
C ALA A 13 20.31 -10.21 12.45
N TRP A 14 20.11 -8.90 12.37
CA TRP A 14 21.00 -8.07 11.58
C TRP A 14 22.43 -8.15 12.13
N GLY A 15 22.55 -8.41 13.43
CA GLY A 15 23.87 -8.54 14.03
C GLY A 15 24.65 -9.71 13.44
N LYS A 16 23.93 -10.69 12.90
CA LYS A 16 24.58 -11.85 12.30
C LYS A 16 25.19 -11.55 10.94
N VAL A 17 24.73 -10.47 10.31
CA VAL A 17 25.26 -10.09 9.01
C VAL A 17 26.78 -9.88 9.16
N GLY A 18 27.15 -8.98 10.07
CA GLY A 18 28.56 -8.70 10.32
C GLY A 18 29.35 -8.24 9.12
N ALA A 19 30.43 -8.95 8.83
CA ALA A 19 31.31 -8.64 7.72
C ALA A 19 30.68 -8.94 6.37
N HIS A 20 29.46 -9.47 6.39
CA HIS A 20 28.73 -9.82 5.17
C HIS A 20 27.86 -8.65 4.71
N ALA A 21 27.95 -7.52 5.40
CA ALA A 21 27.15 -6.34 5.06
C ALA A 21 27.17 -5.98 3.59
N GLY A 22 28.37 -5.75 3.04
CA GLY A 22 28.49 -5.38 1.64
C GLY A 22 27.99 -6.45 0.71
N GLU A 23 28.28 -7.70 1.04
CA GLU A 23 27.85 -8.84 0.23
C GLU A 23 26.32 -8.91 0.20
N TYR A 24 25.70 -8.88 1.37
CA TYR A 24 24.24 -8.98 1.47
C TYR A 24 23.55 -7.74 0.91
N GLY A 25 24.14 -6.57 1.15
CA GLY A 25 23.56 -5.35 0.63
C GLY A 25 23.59 -5.38 -0.90
N ALA A 26 24.73 -5.80 -1.46
CA ALA A 26 24.89 -5.89 -2.91
C ALA A 26 23.92 -6.91 -3.49
N GLU A 27 23.78 -8.04 -2.83
CA GLU A 27 22.89 -9.09 -3.30
C GLU A 27 21.44 -8.60 -3.28
N ALA A 28 21.07 -7.87 -2.24
CA ALA A 28 19.70 -7.38 -2.14
C ALA A 28 19.41 -6.44 -3.31
N LEU A 29 20.41 -5.62 -3.68
CA LEU A 29 20.23 -4.71 -4.80
C LEU A 29 20.12 -5.46 -6.12
N GLU A 30 21.02 -6.41 -6.32
CA GLU A 30 21.01 -7.21 -7.54
C GLU A 30 19.67 -7.92 -7.71
N ARG A 31 19.13 -8.44 -6.61
CA ARG A 31 17.84 -9.13 -6.66
C ARG A 31 16.74 -8.17 -7.08
N MET A 32 16.77 -6.96 -6.52
CA MET A 32 15.77 -5.95 -6.86
C MET A 32 15.87 -5.52 -8.32
N PHE A 33 17.08 -5.21 -8.78
CA PHE A 33 17.28 -4.79 -10.17
C PHE A 33 16.86 -5.87 -11.18
N LEU A 34 17.11 -7.13 -10.84
CA LEU A 34 16.76 -8.24 -11.74
C LEU A 34 15.29 -8.62 -11.68
N SER A 35 14.72 -8.63 -10.48
CA SER A 35 13.31 -9.01 -10.30
C SER A 35 12.32 -7.90 -10.65
N PHE A 36 12.71 -6.66 -10.38
CA PHE A 36 11.83 -5.51 -10.66
C PHE A 36 12.62 -4.47 -11.45
N PRO A 37 12.81 -4.72 -12.76
CA PRO A 37 13.53 -3.87 -13.71
C PRO A 37 13.23 -2.38 -13.61
N THR A 38 12.00 -2.01 -13.30
CA THR A 38 11.65 -0.61 -13.21
C THR A 38 12.47 0.12 -12.16
N THR A 39 12.96 -0.60 -11.16
CA THR A 39 13.75 0.04 -10.10
C THR A 39 15.06 0.60 -10.66
N LYS A 40 15.51 0.07 -11.80
CA LYS A 40 16.76 0.55 -12.39
C LYS A 40 16.68 2.00 -12.86
N THR A 41 15.47 2.50 -13.09
CA THR A 41 15.31 3.88 -13.57
C THR A 41 15.80 4.94 -12.59
N TYR A 42 16.05 4.55 -11.35
CA TYR A 42 16.55 5.50 -10.34
C TYR A 42 18.07 5.55 -10.38
N PHE A 43 18.68 4.63 -11.10
CA PHE A 43 20.14 4.57 -11.20
C PHE A 43 20.61 4.63 -12.65
N PRO A 44 20.13 5.62 -13.42
CA PRO A 44 20.54 5.71 -14.83
C PRO A 44 22.03 5.94 -15.05
N HIS A 45 22.68 6.60 -14.09
CA HIS A 45 24.10 6.89 -14.19
C HIS A 45 24.98 5.74 -13.70
N PHE A 46 24.35 4.73 -13.11
CA PHE A 46 25.06 3.57 -12.58
C PHE A 46 25.36 2.49 -13.63
N ASP A 47 26.42 1.73 -13.36
CA ASP A 47 26.76 0.60 -14.20
C ASP A 47 25.96 -0.45 -13.45
N LEU A 48 24.87 -0.94 -14.02
CA LEU A 48 24.04 -1.92 -13.34
C LEU A 48 24.25 -3.37 -13.77
N SER A 49 25.30 -3.61 -14.55
CA SER A 49 25.62 -4.97 -15.01
C SER A 49 25.93 -5.85 -13.80
N HIS A 50 25.64 -7.14 -13.89
CA HIS A 50 25.91 -8.04 -12.76
C HIS A 50 27.40 -8.06 -12.45
N GLY A 51 27.71 -8.12 -11.15
CA GLY A 51 29.11 -8.14 -10.75
C GLY A 51 29.66 -6.74 -10.68
N SER A 52 28.87 -5.78 -11.16
CA SER A 52 29.26 -4.37 -11.17
C SER A 52 29.88 -3.93 -9.85
N ALA A 53 31.05 -3.28 -9.95
CA ALA A 53 31.75 -2.78 -8.77
C ALA A 53 30.97 -1.63 -8.14
N GLN A 54 30.27 -0.86 -8.97
CA GLN A 54 29.51 0.27 -8.47
C GLN A 54 28.36 -0.24 -7.60
N VAL A 55 27.70 -1.30 -8.07
CA VAL A 55 26.61 -1.88 -7.30
C VAL A 55 27.13 -2.48 -6.00
N LYS A 56 28.31 -3.10 -6.05
CA LYS A 56 28.91 -3.71 -4.86
C LYS A 56 29.16 -2.63 -3.81
N GLY A 57 29.74 -1.51 -4.25
CA GLY A 57 30.03 -0.43 -3.33
C GLY A 57 28.76 0.19 -2.78
N HIS A 58 27.77 0.35 -3.63
CA HIS A 58 26.53 0.94 -3.15
C HIS A 58 25.84 -0.02 -2.18
N GLY A 59 25.98 -1.32 -2.43
CA GLY A 59 25.38 -2.30 -1.55
C GLY A 59 25.90 -2.14 -0.13
N LYS A 60 27.18 -1.76 -0.02
CA LYS A 60 27.83 -1.57 1.27
C LYS A 60 27.26 -0.34 1.99
N LYS A 61 27.02 0.72 1.24
CA LYS A 61 26.47 1.94 1.83
C LYS A 61 25.06 1.65 2.37
N VAL A 62 24.28 0.89 1.61
CA VAL A 62 22.93 0.54 2.04
C VAL A 62 22.97 -0.32 3.30
N ALA A 63 23.82 -1.34 3.30
CA ALA A 63 23.95 -2.21 4.46
C ALA A 63 24.38 -1.41 5.70
N ASP A 64 25.38 -0.56 5.54
CA ASP A 64 25.86 0.26 6.65
C ASP A 64 24.80 1.21 7.18
N ALA A 65 23.95 1.72 6.28
CA ALA A 65 22.90 2.64 6.69
C ALA A 65 21.88 1.88 7.55
N LEU A 66 21.62 0.63 7.18
CA LEU A 66 20.69 -0.21 7.93
C LEU A 66 21.29 -0.50 9.30
N THR A 67 22.58 -0.82 9.35
CA THR A 67 23.25 -1.08 10.61
C THR A 67 23.09 0.14 11.52
N ASN A 68 23.22 1.32 10.93
CA ASN A 68 23.09 2.56 11.68
C ASN A 68 21.65 2.72 12.14
N ALA A 69 20.70 2.36 11.29
CA ALA A 69 19.29 2.45 11.66
C ALA A 69 18.99 1.55 12.86
N VAL A 70 19.54 0.34 12.84
CA VAL A 70 19.33 -0.60 13.93
C VAL A 70 19.87 -0.02 15.24
N ALA A 71 21.01 0.65 15.15
CA ALA A 71 21.62 1.25 16.32
C ALA A 71 20.84 2.43 16.87
N HIS A 72 20.09 3.11 16.01
CA HIS A 72 19.28 4.26 16.42
C HIS A 72 17.80 4.00 16.22
N VAL A 73 17.39 2.78 16.51
CA VAL A 73 16.00 2.35 16.36
C VAL A 73 15.01 3.23 17.14
N ASP A 74 15.48 3.89 18.20
CA ASP A 74 14.60 4.74 19.01
C ASP A 74 14.53 6.19 18.53
N ASP A 75 15.36 6.56 17.57
CA ASP A 75 15.33 7.92 17.03
C ASP A 75 15.76 7.91 15.56
N MET A 76 15.06 7.12 14.77
CA MET A 76 15.38 7.01 13.35
C MET A 76 15.20 8.31 12.56
N PRO A 77 14.10 9.05 12.80
CA PRO A 77 13.94 10.29 12.03
C PRO A 77 15.16 11.18 12.16
N ASN A 78 15.68 11.29 13.37
CA ASN A 78 16.86 12.10 13.63
C ASN A 78 18.10 11.51 12.95
N ALA A 79 18.34 10.22 13.18
CA ALA A 79 19.51 9.53 12.62
C ALA A 79 19.49 9.38 11.11
N LEU A 80 18.30 9.29 10.53
CA LEU A 80 18.19 9.11 9.09
C LEU A 80 17.81 10.36 8.30
N SER A 81 17.81 11.52 8.96
CA SER A 81 17.44 12.77 8.30
C SER A 81 18.19 13.06 7.00
N ALA A 82 19.48 12.73 6.95
CA ALA A 82 20.25 12.97 5.74
C ALA A 82 19.74 12.10 4.59
N LEU A 83 19.44 10.84 4.88
CA LEU A 83 18.95 9.92 3.86
C LEU A 83 17.54 10.28 3.40
N SER A 84 16.75 10.84 4.31
CA SER A 84 15.39 11.24 3.95
C SER A 84 15.49 12.39 2.96
N ASP A 85 16.40 13.33 3.24
CA ASP A 85 16.59 14.46 2.36
C ASP A 85 16.92 13.95 0.96
N LEU A 86 17.72 12.89 0.90
CA LEU A 86 18.11 12.30 -0.36
C LEU A 86 17.00 11.54 -1.11
N HIS A 87 16.34 10.61 -0.43
CA HIS A 87 15.31 9.81 -1.07
C HIS A 87 13.94 10.47 -1.24
N ALA A 88 13.55 11.32 -0.30
CA ALA A 88 12.24 11.98 -0.35
C ALA A 88 12.27 13.40 -0.94
N HIS A 89 13.31 14.16 -0.64
CA HIS A 89 13.41 15.52 -1.16
C HIS A 89 14.03 15.57 -2.55
N LYS A 90 15.19 14.96 -2.70
CA LYS A 90 15.91 14.97 -3.97
C LYS A 90 15.49 13.94 -5.01
N LEU A 91 15.51 12.67 -4.64
CA LEU A 91 15.17 11.60 -5.58
C LEU A 91 13.67 11.38 -5.75
N ARG A 92 12.90 11.75 -4.73
CA ARG A 92 11.46 11.57 -4.78
C ARG A 92 11.14 10.15 -5.25
N VAL A 93 11.69 9.17 -4.53
CA VAL A 93 11.47 7.76 -4.85
C VAL A 93 10.05 7.34 -4.50
N ASP A 94 9.38 6.66 -5.43
CA ASP A 94 8.01 6.22 -5.16
C ASP A 94 8.10 5.16 -4.05
N PRO A 95 7.28 5.30 -3.01
CA PRO A 95 7.29 4.34 -1.88
C PRO A 95 7.21 2.87 -2.28
N VAL A 96 6.55 2.56 -3.38
CA VAL A 96 6.45 1.16 -3.80
C VAL A 96 7.82 0.53 -4.00
N ASN A 97 8.78 1.32 -4.44
CA ASN A 97 10.14 0.84 -4.66
C ASN A 97 10.81 0.41 -3.36
N PHE A 98 10.41 1.02 -2.25
CA PHE A 98 10.98 0.64 -0.96
C PHE A 98 10.44 -0.72 -0.52
N LYS A 99 9.19 -1.00 -0.90
CA LYS A 99 8.58 -2.29 -0.56
C LYS A 99 9.34 -3.39 -1.31
N LEU A 100 9.72 -3.09 -2.55
CA LEU A 100 10.45 -4.05 -3.37
C LEU A 100 11.83 -4.32 -2.78
N LEU A 101 12.57 -3.27 -2.43
CA LEU A 101 13.89 -3.49 -1.85
C LEU A 101 13.77 -4.20 -0.52
N SER A 102 12.78 -3.82 0.29
CA SER A 102 12.59 -4.47 1.59
C SER A 102 12.36 -5.96 1.37
N HIS A 103 11.50 -6.30 0.41
CA HIS A 103 11.23 -7.70 0.11
C HIS A 103 12.53 -8.43 -0.26
N CYS A 104 13.35 -7.80 -1.08
CA CYS A 104 14.60 -8.40 -1.51
C CYS A 104 15.61 -8.55 -0.38
N LEU A 105 15.57 -7.65 0.58
CA LEU A 105 16.48 -7.74 1.73
C LEU A 105 16.03 -8.95 2.57
N LEU A 106 14.72 -9.14 2.72
CA LEU A 106 14.22 -10.28 3.48
C LEU A 106 14.64 -11.57 2.77
N VAL A 107 14.50 -11.60 1.45
CA VAL A 107 14.88 -12.77 0.67
C VAL A 107 16.36 -13.09 0.88
N THR A 108 17.20 -12.06 0.85
CA THR A 108 18.64 -12.23 1.03
C THR A 108 18.95 -12.78 2.43
N LEU A 109 18.27 -12.25 3.44
CA LEU A 109 18.49 -12.72 4.82
C LEU A 109 18.04 -14.19 4.96
N ALA A 110 16.90 -14.52 4.35
CA ALA A 110 16.38 -15.88 4.43
C ALA A 110 17.31 -16.89 3.76
N ALA A 111 17.93 -16.48 2.65
CA ALA A 111 18.83 -17.34 1.89
C ALA A 111 20.17 -17.57 2.57
N HIS A 112 20.58 -16.63 3.42
CA HIS A 112 21.87 -16.73 4.12
C HIS A 112 21.80 -17.08 5.60
N LEU A 113 20.74 -16.66 6.28
CA LEU A 113 20.61 -16.91 7.71
C LEU A 113 19.31 -17.65 8.06
N PRO A 114 19.12 -18.86 7.52
CA PRO A 114 17.92 -19.65 7.78
C PRO A 114 17.55 -19.81 9.25
N ALA A 115 18.55 -19.94 10.11
CA ALA A 115 18.32 -20.11 11.55
C ALA A 115 17.77 -18.83 12.19
N GLU A 116 18.19 -17.69 11.67
CA GLU A 116 17.75 -16.39 12.18
C GLU A 116 16.38 -15.96 11.66
N PHE A 117 16.05 -16.43 10.46
CA PHE A 117 14.80 -16.06 9.81
C PHE A 117 13.57 -16.84 10.30
N THR A 118 13.25 -16.75 11.58
CA THR A 118 12.09 -17.44 12.12
C THR A 118 10.85 -16.60 11.75
N PRO A 119 9.65 -17.16 11.92
CA PRO A 119 8.44 -16.41 11.59
C PRO A 119 8.33 -15.09 12.34
N ALA A 120 8.61 -15.12 13.64
CA ALA A 120 8.54 -13.90 14.44
C ALA A 120 9.61 -12.89 14.03
N VAL A 121 10.81 -13.37 13.73
CA VAL A 121 11.91 -12.50 13.32
C VAL A 121 11.59 -11.90 11.96
N HIS A 122 11.02 -12.73 11.10
CA HIS A 122 10.61 -12.31 9.75
C HIS A 122 9.60 -11.15 9.91
N ALA A 123 8.67 -11.28 10.84
CA ALA A 123 7.67 -10.24 11.08
C ALA A 123 8.33 -8.94 11.54
N SER A 124 9.26 -9.05 12.48
CA SER A 124 9.97 -7.89 13.00
C SER A 124 10.80 -7.20 11.93
N LEU A 125 11.55 -7.99 11.16
CA LEU A 125 12.39 -7.43 10.10
C LEU A 125 11.53 -6.66 9.09
N ASP A 126 10.37 -7.22 8.77
CA ASP A 126 9.47 -6.55 7.83
C ASP A 126 8.99 -5.21 8.37
N LYS A 127 8.58 -5.17 9.63
CA LYS A 127 8.11 -3.92 10.24
C LYS A 127 9.25 -2.92 10.32
N PHE A 128 10.44 -3.40 10.65
CA PHE A 128 11.61 -2.55 10.75
C PHE A 128 11.89 -1.85 9.41
N LEU A 129 11.91 -2.63 8.33
CA LEU A 129 12.19 -2.07 7.01
C LEU A 129 11.08 -1.13 6.54
N ALA A 130 9.84 -1.44 6.91
CA ALA A 130 8.71 -0.59 6.54
C ALA A 130 8.86 0.74 7.27
N SER A 131 9.40 0.66 8.49
CA SER A 131 9.61 1.84 9.32
C SER A 131 10.70 2.70 8.70
N VAL A 132 11.81 2.07 8.31
CA VAL A 132 12.89 2.80 7.69
C VAL A 132 12.39 3.40 6.38
N SER A 133 11.59 2.64 5.64
CA SER A 133 11.04 3.10 4.37
C SER A 133 10.22 4.38 4.53
N THR A 134 9.35 4.37 5.54
CA THR A 134 8.49 5.51 5.83
C THR A 134 9.32 6.77 6.12
N VAL A 135 10.37 6.62 6.91
CA VAL A 135 11.22 7.75 7.25
C VAL A 135 11.91 8.30 5.99
N LEU A 136 12.45 7.40 5.18
CA LEU A 136 13.14 7.81 3.95
C LEU A 136 12.24 8.41 2.88
N THR A 137 10.94 8.17 2.98
CA THR A 137 10.03 8.74 1.98
C THR A 137 9.19 9.90 2.51
N SER A 138 9.38 10.27 3.78
CA SER A 138 8.63 11.38 4.35
C SER A 138 9.48 12.65 4.36
N LYS A 139 8.84 13.80 4.12
CA LYS A 139 9.52 15.09 4.14
C LYS A 139 9.05 15.68 5.48
N TYR A 140 9.95 15.65 6.46
CA TYR A 140 9.61 16.12 7.80
C TYR A 140 10.43 17.28 8.33
N ARG A 141 10.96 18.11 7.43
CA ARG A 141 11.77 19.25 7.84
C ARG A 141 11.38 20.56 7.17
N VAL B 1 2.28 -15.15 -18.56
CA VAL B 1 3.63 -14.82 -18.13
C VAL B 1 4.65 -15.38 -19.11
N HIS B 2 5.68 -14.58 -19.40
CA HIS B 2 6.72 -14.99 -20.33
C HIS B 2 8.01 -15.35 -19.61
N LEU B 3 8.34 -16.65 -19.62
CA LEU B 3 9.56 -17.12 -19.00
C LEU B 3 10.48 -17.67 -20.09
N THR B 4 11.74 -17.21 -20.08
CA THR B 4 12.69 -17.69 -21.07
C THR B 4 12.82 -19.20 -20.86
N PRO B 5 13.21 -19.95 -21.90
CA PRO B 5 13.35 -21.39 -21.73
C PRO B 5 14.37 -21.71 -20.64
N GLU B 6 15.33 -20.81 -20.46
CA GLU B 6 16.36 -20.98 -19.44
C GLU B 6 15.74 -20.75 -18.06
N GLU B 7 14.80 -19.80 -18.00
CA GLU B 7 14.11 -19.51 -16.75
C GLU B 7 13.15 -20.64 -16.43
N LYS B 8 12.46 -21.14 -17.45
CA LYS B 8 11.51 -22.22 -17.22
C LYS B 8 12.23 -23.41 -16.61
N SER B 9 13.34 -23.79 -17.23
CA SER B 9 14.13 -24.90 -16.73
C SER B 9 14.57 -24.68 -15.29
N ALA B 10 15.06 -23.48 -14.98
CA ALA B 10 15.51 -23.19 -13.62
C ALA B 10 14.35 -23.28 -12.63
N VAL B 11 13.21 -22.68 -12.96
CA VAL B 11 12.04 -22.71 -12.09
C VAL B 11 11.58 -24.15 -11.84
N THR B 12 11.41 -24.90 -12.92
CA THR B 12 10.96 -26.30 -12.85
C THR B 12 11.91 -27.16 -12.05
N ALA B 13 13.21 -26.96 -12.23
CA ALA B 13 14.21 -27.75 -11.50
C ALA B 13 14.03 -27.51 -10.02
N LEU B 14 13.87 -26.25 -9.63
CA LEU B 14 13.72 -25.92 -8.22
C LEU B 14 12.40 -26.47 -7.66
N TRP B 15 11.30 -26.19 -8.36
CA TRP B 15 9.99 -26.63 -7.90
C TRP B 15 9.88 -28.14 -7.70
N GLY B 16 10.61 -28.91 -8.51
CA GLY B 16 10.57 -30.35 -8.39
C GLY B 16 11.16 -30.85 -7.08
N LYS B 17 11.94 -30.00 -6.42
CA LYS B 17 12.59 -30.35 -5.15
C LYS B 17 11.81 -29.84 -3.93
N VAL B 18 10.79 -29.02 -4.19
CA VAL B 18 9.99 -28.45 -3.11
C VAL B 18 9.30 -29.51 -2.25
N ASN B 19 9.33 -29.30 -0.94
CA ASN B 19 8.70 -30.22 0.00
C ASN B 19 7.21 -29.84 0.00
N VAL B 20 6.41 -30.59 -0.76
CA VAL B 20 4.98 -30.29 -0.87
C VAL B 20 4.24 -30.45 0.45
N ASP B 21 4.86 -31.09 1.43
CA ASP B 21 4.23 -31.28 2.73
C ASP B 21 4.39 -30.06 3.65
N GLU B 22 5.48 -29.32 3.49
CA GLU B 22 5.74 -28.18 4.38
C GLU B 22 5.76 -26.76 3.80
N VAL B 23 6.29 -26.61 2.59
CA VAL B 23 6.42 -25.29 1.98
C VAL B 23 5.14 -24.47 1.96
N GLY B 24 4.04 -25.06 1.51
CA GLY B 24 2.79 -24.34 1.46
C GLY B 24 2.33 -23.83 2.83
N GLY B 25 2.41 -24.71 3.83
CA GLY B 25 2.00 -24.34 5.18
C GLY B 25 2.88 -23.26 5.79
N GLU B 26 4.17 -23.28 5.50
CA GLU B 26 5.09 -22.28 6.03
C GLU B 26 4.81 -20.93 5.37
N ALA B 27 4.39 -20.97 4.10
CA ALA B 27 4.09 -19.74 3.38
C ALA B 27 2.81 -19.14 3.96
N LEU B 28 1.75 -19.94 4.06
CA LEU B 28 0.49 -19.46 4.60
C LEU B 28 0.66 -19.06 6.06
N GLY B 29 1.45 -19.86 6.79
CA GLY B 29 1.69 -19.57 8.19
C GLY B 29 2.37 -18.23 8.37
N ARG B 30 3.44 -17.99 7.62
CA ARG B 30 4.16 -16.72 7.72
C ARG B 30 3.25 -15.56 7.33
N LEU B 31 2.37 -15.77 6.36
CA LEU B 31 1.45 -14.72 5.96
C LEU B 31 0.65 -14.31 7.18
N LEU B 32 0.09 -15.30 7.87
CA LEU B 32 -0.73 -15.05 9.06
C LEU B 32 0.05 -14.41 10.21
N VAL B 33 1.33 -14.69 10.30
CA VAL B 33 2.16 -14.15 11.37
C VAL B 33 2.67 -12.74 11.04
N VAL B 34 3.15 -12.55 9.81
CA VAL B 34 3.69 -11.27 9.38
C VAL B 34 2.63 -10.21 9.10
N TYR B 35 1.47 -10.65 8.63
CA TYR B 35 0.36 -9.74 8.33
C TYR B 35 -0.85 -10.34 9.05
N PRO B 36 -0.85 -10.27 10.38
CA PRO B 36 -1.89 -10.80 11.26
C PRO B 36 -3.35 -10.56 10.88
N TRP B 37 -3.64 -9.46 10.19
CA TRP B 37 -5.03 -9.20 9.83
C TRP B 37 -5.56 -10.24 8.84
N THR B 38 -4.66 -10.99 8.21
CA THR B 38 -5.10 -12.01 7.26
C THR B 38 -5.70 -13.20 8.01
N GLN B 39 -5.49 -13.23 9.32
CA GLN B 39 -6.02 -14.30 10.18
C GLN B 39 -7.55 -14.24 10.22
N ARG B 40 -8.07 -13.04 10.03
CA ARG B 40 -9.50 -12.79 10.06
C ARG B 40 -10.26 -13.64 9.04
N PHE B 41 -9.54 -14.15 8.04
CA PHE B 41 -10.15 -14.97 7.00
C PHE B 41 -10.14 -16.45 7.36
N PHE B 42 -9.45 -16.80 8.44
CA PHE B 42 -9.34 -18.19 8.88
C PHE B 42 -9.85 -18.41 10.30
N GLU B 43 -11.01 -17.84 10.60
CA GLU B 43 -11.63 -17.96 11.91
C GLU B 43 -11.76 -19.41 12.39
N SER B 44 -12.22 -20.28 11.49
CA SER B 44 -12.44 -21.69 11.82
C SER B 44 -11.18 -22.57 11.89
N PHE B 45 -10.01 -21.99 11.67
CA PHE B 45 -8.79 -22.78 11.68
C PHE B 45 -8.24 -23.10 13.07
N GLY B 46 -8.98 -22.71 14.10
CA GLY B 46 -8.51 -22.99 15.44
C GLY B 46 -7.54 -21.97 16.00
N ASP B 47 -6.55 -22.46 16.73
CA ASP B 47 -5.56 -21.61 17.38
C ASP B 47 -4.54 -20.94 16.47
N LEU B 48 -4.62 -19.61 16.43
CA LEU B 48 -3.69 -18.80 15.63
C LEU B 48 -3.18 -17.69 16.54
N SER B 49 -3.30 -17.91 17.85
CA SER B 49 -2.92 -16.94 18.86
C SER B 49 -1.44 -16.58 18.96
N THR B 50 -0.55 -17.48 18.55
CA THR B 50 0.88 -17.21 18.60
C THR B 50 1.56 -17.73 17.34
N PRO B 51 2.80 -17.29 17.08
CA PRO B 51 3.54 -17.73 15.90
C PRO B 51 3.69 -19.24 15.84
N ASP B 52 4.16 -19.84 16.95
CA ASP B 52 4.33 -21.29 16.99
C ASP B 52 2.99 -21.99 16.76
N ALA B 53 1.94 -21.44 17.36
CA ALA B 53 0.61 -22.00 17.20
C ALA B 53 0.19 -21.99 15.74
N VAL B 54 0.43 -20.87 15.05
CA VAL B 54 0.08 -20.73 13.64
C VAL B 54 0.84 -21.73 12.77
N MET B 55 2.16 -21.72 12.91
CA MET B 55 3.02 -22.60 12.11
C MET B 55 2.78 -24.10 12.31
N GLY B 56 2.45 -24.51 13.54
CA GLY B 56 2.24 -25.91 13.79
C GLY B 56 0.80 -26.37 13.63
N ASN B 57 -0.10 -25.43 13.37
CA ASN B 57 -1.52 -25.73 13.23
C ASN B 57 -1.80 -26.68 12.06
N PRO B 58 -2.38 -27.86 12.36
CA PRO B 58 -2.70 -28.84 11.31
C PRO B 58 -3.53 -28.28 10.16
N LYS B 59 -4.51 -27.42 10.46
CA LYS B 59 -5.34 -26.85 9.41
C LYS B 59 -4.58 -25.86 8.55
N VAL B 60 -3.60 -25.17 9.14
CA VAL B 60 -2.79 -24.23 8.37
C VAL B 60 -1.93 -25.02 7.39
N LYS B 61 -1.27 -26.07 7.86
CA LYS B 61 -0.43 -26.89 6.99
C LYS B 61 -1.24 -27.53 5.86
N ALA B 62 -2.42 -28.02 6.18
CA ALA B 62 -3.26 -28.67 5.17
C ALA B 62 -3.74 -27.66 4.13
N HIS B 63 -4.12 -26.47 4.58
CA HIS B 63 -4.59 -25.47 3.65
C HIS B 63 -3.43 -24.92 2.82
N GLY B 64 -2.28 -24.76 3.47
CA GLY B 64 -1.11 -24.27 2.76
C GLY B 64 -0.74 -25.23 1.64
N LYS B 65 -1.01 -26.51 1.84
CA LYS B 65 -0.71 -27.53 0.84
C LYS B 65 -1.58 -27.30 -0.39
N LYS B 66 -2.83 -26.90 -0.17
CA LYS B 66 -3.75 -26.65 -1.28
C LYS B 66 -3.27 -25.41 -2.03
N VAL B 67 -2.80 -24.42 -1.26
CA VAL B 67 -2.28 -23.19 -1.84
C VAL B 67 -1.10 -23.56 -2.74
N LEU B 68 -0.18 -24.36 -2.20
CA LEU B 68 0.99 -24.78 -2.95
C LEU B 68 0.54 -25.51 -4.24
N GLY B 69 -0.47 -26.36 -4.11
CA GLY B 69 -0.99 -27.08 -5.26
C GLY B 69 -1.54 -26.15 -6.33
N ALA B 70 -2.13 -25.04 -5.90
CA ALA B 70 -2.67 -24.08 -6.85
C ALA B 70 -1.50 -23.44 -7.63
N PHE B 71 -0.39 -23.22 -6.93
CA PHE B 71 0.80 -22.65 -7.57
C PHE B 71 1.38 -23.67 -8.55
N SER B 72 1.36 -24.94 -8.17
CA SER B 72 1.89 -26.01 -9.03
C SER B 72 1.05 -26.08 -10.31
N ASP B 73 -0.25 -25.88 -10.19
CA ASP B 73 -1.12 -25.91 -11.36
C ASP B 73 -0.83 -24.68 -12.21
N GLY B 74 -0.52 -23.58 -11.53
CA GLY B 74 -0.22 -22.35 -12.24
C GLY B 74 1.04 -22.51 -13.06
N LEU B 75 2.03 -23.21 -12.49
CA LEU B 75 3.28 -23.44 -13.20
C LEU B 75 3.06 -24.33 -14.41
N ALA B 76 2.07 -25.22 -14.31
CA ALA B 76 1.77 -26.14 -15.39
C ALA B 76 0.90 -25.51 -16.48
N HIS B 77 0.44 -24.28 -16.24
CA HIS B 77 -0.39 -23.58 -17.23
C HIS B 77 -0.08 -22.09 -17.28
N LEU B 78 1.20 -21.77 -17.42
CA LEU B 78 1.63 -20.37 -17.49
C LEU B 78 1.00 -19.62 -18.66
N ASP B 79 0.60 -20.36 -19.69
CA ASP B 79 -0.02 -19.74 -20.86
C ASP B 79 -1.49 -19.42 -20.66
N ASN B 80 -2.09 -19.93 -19.58
CA ASN B 80 -3.50 -19.69 -19.34
C ASN B 80 -3.85 -19.60 -17.85
N LEU B 81 -3.22 -18.65 -17.16
CA LEU B 81 -3.44 -18.46 -15.73
C LEU B 81 -4.82 -17.91 -15.39
N LYS B 82 -5.37 -17.09 -16.26
CA LYS B 82 -6.69 -16.50 -16.00
C LYS B 82 -7.76 -17.58 -15.98
N GLY B 83 -7.69 -18.51 -16.92
CA GLY B 83 -8.69 -19.58 -16.96
C GLY B 83 -8.45 -20.57 -15.84
N THR B 84 -7.19 -20.91 -15.62
CA THR B 84 -6.81 -21.85 -14.57
C THR B 84 -7.29 -21.42 -13.19
N PHE B 85 -7.28 -20.11 -12.94
CA PHE B 85 -7.69 -19.56 -11.65
C PHE B 85 -9.07 -18.92 -11.62
N ALA B 86 -9.84 -19.07 -12.70
CA ALA B 86 -11.17 -18.47 -12.77
C ALA B 86 -12.01 -18.84 -11.55
N THR B 87 -12.11 -20.15 -11.28
CA THR B 87 -12.88 -20.63 -10.14
C THR B 87 -12.34 -20.00 -8.86
N LEU B 88 -11.04 -20.15 -8.62
CA LEU B 88 -10.43 -19.59 -7.42
C LEU B 88 -10.61 -18.08 -7.30
N SER B 89 -10.66 -17.38 -8.42
CA SER B 89 -10.82 -15.94 -8.41
C SER B 89 -12.22 -15.55 -7.98
N GLU B 90 -13.21 -16.29 -8.47
CA GLU B 90 -14.59 -16.02 -8.10
C GLU B 90 -14.68 -16.19 -6.59
N LEU B 91 -14.05 -17.25 -6.08
CA LEU B 91 -14.08 -17.52 -4.65
C LEU B 91 -13.43 -16.43 -3.81
N HIS B 92 -12.19 -16.08 -4.13
CA HIS B 92 -11.46 -15.07 -3.36
C HIS B 92 -11.95 -13.63 -3.52
N CYS B 93 -12.54 -13.33 -4.67
CA CYS B 93 -13.02 -11.97 -4.92
C CYS B 93 -14.51 -11.78 -4.60
N ASP B 94 -15.38 -12.50 -5.31
CA ASP B 94 -16.82 -12.39 -5.11
C ASP B 94 -17.34 -12.86 -3.76
N LYS B 95 -16.72 -13.88 -3.19
CA LYS B 95 -17.18 -14.41 -1.89
C LYS B 95 -16.40 -13.90 -0.69
N LEU B 96 -15.11 -14.21 -0.64
CA LEU B 96 -14.26 -13.81 0.46
C LEU B 96 -13.91 -12.33 0.51
N HIS B 97 -13.89 -11.67 -0.64
CA HIS B 97 -13.57 -10.25 -0.71
C HIS B 97 -12.17 -9.97 -0.16
N VAL B 98 -11.20 -10.74 -0.63
CA VAL B 98 -9.81 -10.56 -0.20
C VAL B 98 -9.22 -9.39 -0.98
N ASP B 99 -8.59 -8.45 -0.29
CA ASP B 99 -8.00 -7.31 -0.97
C ASP B 99 -6.80 -7.78 -1.79
N PRO B 100 -6.76 -7.42 -3.08
CA PRO B 100 -5.68 -7.78 -4.02
C PRO B 100 -4.26 -7.68 -3.48
N GLU B 101 -4.00 -6.65 -2.67
CA GLU B 101 -2.66 -6.46 -2.10
C GLU B 101 -2.22 -7.69 -1.30
N ASN B 102 -3.18 -8.38 -0.69
CA ASN B 102 -2.87 -9.58 0.09
C ASN B 102 -2.40 -10.73 -0.80
N PHE B 103 -2.87 -10.78 -2.05
CA PHE B 103 -2.47 -11.83 -2.97
C PHE B 103 -0.99 -11.63 -3.25
N ARG B 104 -0.60 -10.38 -3.42
CA ARG B 104 0.78 -10.02 -3.69
C ARG B 104 1.63 -10.41 -2.49
N LEU B 105 1.13 -10.10 -1.30
CA LEU B 105 1.85 -10.42 -0.07
C LEU B 105 2.17 -11.90 0.03
N LEU B 106 1.16 -12.75 -0.20
CA LEU B 106 1.36 -14.19 -0.11
C LEU B 106 2.35 -14.67 -1.16
N GLY B 107 2.23 -14.12 -2.37
CA GLY B 107 3.15 -14.50 -3.42
C GLY B 107 4.58 -14.26 -2.99
N ASN B 108 4.84 -13.09 -2.40
CA ASN B 108 6.19 -12.77 -1.95
C ASN B 108 6.62 -13.57 -0.72
N VAL B 109 5.67 -13.90 0.16
CA VAL B 109 6.00 -14.70 1.33
C VAL B 109 6.49 -16.05 0.81
N LEU B 110 5.80 -16.58 -0.20
CA LEU B 110 6.21 -17.85 -0.79
C LEU B 110 7.66 -17.73 -1.27
N VAL B 111 7.97 -16.63 -1.95
CA VAL B 111 9.32 -16.41 -2.44
C VAL B 111 10.32 -16.45 -1.27
N CYS B 112 9.95 -15.83 -0.15
CA CYS B 112 10.81 -15.84 1.02
C CYS B 112 11.00 -17.26 1.54
N VAL B 113 9.94 -18.06 1.52
CA VAL B 113 10.03 -19.43 1.98
C VAL B 113 10.94 -20.27 1.09
N LEU B 114 10.83 -20.09 -0.22
CA LEU B 114 11.68 -20.82 -1.17
C LEU B 114 13.14 -20.43 -0.88
N ALA B 115 13.37 -19.14 -0.67
CA ALA B 115 14.71 -18.66 -0.36
C ALA B 115 15.19 -19.31 0.93
N HIS B 116 14.28 -19.43 1.89
CA HIS B 116 14.62 -20.03 3.18
C HIS B 116 15.02 -21.49 3.06
N HIS B 117 14.26 -22.24 2.26
CA HIS B 117 14.54 -23.67 2.07
C HIS B 117 15.74 -23.98 1.17
N PHE B 118 15.91 -23.24 0.09
CA PHE B 118 16.99 -23.52 -0.83
C PHE B 118 18.29 -22.74 -0.68
N GLY B 119 18.27 -21.74 0.20
CA GLY B 119 19.47 -20.95 0.42
C GLY B 119 20.12 -20.42 -0.84
N LYS B 120 21.43 -20.59 -0.96
CA LYS B 120 22.17 -20.09 -2.11
C LYS B 120 21.66 -20.59 -3.47
N GLU B 121 20.97 -21.72 -3.48
CA GLU B 121 20.43 -22.24 -4.72
C GLU B 121 19.35 -21.29 -5.26
N PHE B 122 18.77 -20.49 -4.36
CA PHE B 122 17.74 -19.53 -4.76
C PHE B 122 18.46 -18.25 -5.14
N THR B 123 19.13 -18.29 -6.30
CA THR B 123 19.89 -17.16 -6.82
C THR B 123 19.02 -16.00 -7.29
N PRO B 124 19.61 -14.83 -7.53
CA PRO B 124 18.85 -13.67 -8.00
C PRO B 124 18.10 -13.96 -9.30
N PRO B 125 18.73 -14.69 -10.24
CA PRO B 125 18.05 -15.01 -11.51
C PRO B 125 16.83 -15.92 -11.29
N VAL B 126 16.99 -16.93 -10.42
CA VAL B 126 15.89 -17.86 -10.11
C VAL B 126 14.74 -17.09 -9.46
N GLN B 127 15.08 -16.17 -8.56
CA GLN B 127 14.07 -15.36 -7.89
C GLN B 127 13.30 -14.50 -8.89
N ALA B 128 14.04 -13.85 -9.78
CA ALA B 128 13.42 -12.99 -10.78
C ALA B 128 12.38 -13.81 -11.55
N ALA B 129 12.74 -15.04 -11.89
CA ALA B 129 11.83 -15.91 -12.63
C ALA B 129 10.60 -16.20 -11.78
N TYR B 130 10.81 -16.47 -10.50
CA TYR B 130 9.68 -16.75 -9.63
C TYR B 130 8.82 -15.53 -9.41
N GLN B 131 9.43 -14.35 -9.41
CA GLN B 131 8.66 -13.13 -9.22
C GLN B 131 7.67 -12.95 -10.38
N LYS B 132 8.06 -13.37 -11.57
CA LYS B 132 7.15 -13.25 -12.70
C LYS B 132 5.98 -14.20 -12.49
N VAL B 133 6.26 -15.40 -11.96
CA VAL B 133 5.21 -16.39 -11.71
C VAL B 133 4.21 -15.95 -10.65
N VAL B 134 4.71 -15.52 -9.49
CA VAL B 134 3.81 -15.11 -8.41
C VAL B 134 3.00 -13.88 -8.80
N ALA B 135 3.60 -12.97 -9.57
CA ALA B 135 2.90 -11.78 -10.02
C ALA B 135 1.76 -12.26 -10.93
N GLY B 136 2.09 -13.21 -11.80
CA GLY B 136 1.10 -13.75 -12.72
C GLY B 136 -0.04 -14.43 -11.99
N VAL B 137 0.30 -15.24 -10.99
CA VAL B 137 -0.73 -15.93 -10.23
C VAL B 137 -1.57 -14.92 -9.47
N ALA B 138 -0.92 -13.95 -8.83
CA ALA B 138 -1.62 -12.94 -8.06
C ALA B 138 -2.62 -12.17 -8.92
N ASN B 139 -2.19 -11.80 -10.12
CA ASN B 139 -3.02 -11.06 -11.06
C ASN B 139 -4.25 -11.88 -11.46
N ALA B 140 -4.02 -13.13 -11.80
CA ALA B 140 -5.10 -14.03 -12.21
C ALA B 140 -6.15 -14.19 -11.11
N LEU B 141 -5.70 -14.25 -9.86
CA LEU B 141 -6.63 -14.40 -8.75
C LEU B 141 -7.52 -13.19 -8.57
N ALA B 142 -6.97 -12.01 -8.86
CA ALA B 142 -7.73 -10.77 -8.70
C ALA B 142 -8.43 -10.31 -9.98
N HIS B 143 -8.41 -11.13 -11.03
CA HIS B 143 -9.04 -10.70 -12.28
C HIS B 143 -10.55 -10.56 -12.21
N LYS B 144 -11.21 -11.32 -11.34
CA LYS B 144 -12.65 -11.23 -11.21
C LYS B 144 -13.04 -9.87 -10.67
N TYR B 145 -12.04 -9.12 -10.23
CA TYR B 145 -12.28 -7.77 -9.72
C TYR B 145 -12.34 -6.84 -10.93
N HIS B 146 -11.36 -6.96 -11.82
CA HIS B 146 -11.30 -6.15 -13.02
C HIS B 146 -12.60 -6.25 -13.81
N VAL C 1 6.24 10.28 9.21
CA VAL C 1 6.92 11.25 10.04
C VAL C 1 6.43 12.66 9.70
N LEU C 2 5.92 13.37 10.69
CA LEU C 2 5.38 14.71 10.47
C LEU C 2 6.39 15.85 10.67
N SER C 3 6.32 16.83 9.77
CA SER C 3 7.20 17.99 9.84
C SER C 3 6.59 18.97 10.85
N PRO C 4 7.35 20.00 11.23
CA PRO C 4 6.80 20.97 12.18
C PRO C 4 5.56 21.64 11.56
N ALA C 5 5.62 21.91 10.27
CA ALA C 5 4.50 22.55 9.59
C ALA C 5 3.28 21.63 9.57
N ASP C 6 3.53 20.32 9.45
CA ASP C 6 2.42 19.36 9.43
C ASP C 6 1.69 19.41 10.77
N LYS C 7 2.46 19.41 11.86
CA LYS C 7 1.86 19.44 13.18
C LYS C 7 1.07 20.72 13.36
N THR C 8 1.63 21.82 12.87
CA THR C 8 0.97 23.12 12.96
C THR C 8 -0.33 23.10 12.16
N ASN C 9 -0.28 22.56 10.95
CA ASN C 9 -1.48 22.49 10.11
C ASN C 9 -2.56 21.57 10.71
N VAL C 10 -2.16 20.42 11.23
CA VAL C 10 -3.14 19.51 11.82
C VAL C 10 -3.86 20.17 13.00
N LYS C 11 -3.09 20.71 13.94
CA LYS C 11 -3.68 21.34 15.12
C LYS C 11 -4.65 22.47 14.77
N ALA C 12 -4.28 23.29 13.80
CA ALA C 12 -5.12 24.41 13.40
C ALA C 12 -6.42 23.94 12.74
N ALA C 13 -6.31 23.01 11.81
CA ALA C 13 -7.48 22.49 11.11
C ALA C 13 -8.41 21.72 12.03
N TRP C 14 -7.86 20.88 12.90
CA TRP C 14 -8.70 20.11 13.81
C TRP C 14 -9.33 21.04 14.84
N GLY C 15 -8.60 22.08 15.20
CA GLY C 15 -9.14 23.04 16.15
C GLY C 15 -10.39 23.67 15.54
N LYS C 16 -10.31 24.01 14.26
CA LYS C 16 -11.43 24.61 13.54
C LYS C 16 -12.63 23.68 13.52
N VAL C 17 -12.39 22.37 13.57
CA VAL C 17 -13.48 21.42 13.59
C VAL C 17 -14.28 21.69 14.86
N GLY C 18 -13.55 22.04 15.92
CA GLY C 18 -14.20 22.35 17.18
C GLY C 18 -15.24 21.38 17.69
N ALA C 19 -16.41 21.90 18.01
CA ALA C 19 -17.51 21.11 18.54
C ALA C 19 -18.25 20.25 17.52
N HIS C 20 -17.79 20.27 16.27
CA HIS C 20 -18.42 19.47 15.23
C HIS C 20 -17.76 18.10 15.06
N ALA C 21 -16.66 17.88 15.78
CA ALA C 21 -15.93 16.63 15.71
C ALA C 21 -16.82 15.40 15.70
N GLY C 22 -17.73 15.30 16.66
CA GLY C 22 -18.64 14.16 16.72
C GLY C 22 -19.47 14.00 15.47
N GLU C 23 -20.01 15.12 14.98
CA GLU C 23 -20.84 15.15 13.78
C GLU C 23 -20.06 14.69 12.55
N TYR C 24 -18.83 15.18 12.42
CA TYR C 24 -17.98 14.83 11.29
C TYR C 24 -17.53 13.39 11.40
N GLY C 25 -17.28 12.93 12.64
CA GLY C 25 -16.87 11.55 12.84
C GLY C 25 -17.94 10.59 12.33
N ALA C 26 -19.19 10.88 12.68
CA ALA C 26 -20.31 10.03 12.26
C ALA C 26 -20.49 10.07 10.74
N GLU C 27 -20.34 11.25 10.14
CA GLU C 27 -20.49 11.38 8.69
C GLU C 27 -19.40 10.57 7.98
N ALA C 28 -18.17 10.67 8.47
CA ALA C 28 -17.08 9.92 7.86
C ALA C 28 -17.38 8.42 7.92
N LEU C 29 -17.89 7.94 9.05
CA LEU C 29 -18.21 6.52 9.17
C LEU C 29 -19.32 6.15 8.17
N GLU C 30 -20.35 6.96 8.09
CA GLU C 30 -21.44 6.67 7.17
C GLU C 30 -20.95 6.66 5.72
N ARG C 31 -20.06 7.59 5.39
CA ARG C 31 -19.52 7.64 4.04
C ARG C 31 -18.73 6.37 3.76
N MET C 32 -17.97 5.92 4.75
CA MET C 32 -17.18 4.72 4.58
C MET C 32 -18.08 3.51 4.39
N PHE C 33 -19.05 3.33 5.28
CA PHE C 33 -19.96 2.19 5.20
C PHE C 33 -20.71 2.10 3.87
N LEU C 34 -21.12 3.25 3.36
CA LEU C 34 -21.86 3.29 2.11
C LEU C 34 -20.95 3.16 0.87
N SER C 35 -19.79 3.83 0.90
CA SER C 35 -18.87 3.77 -0.25
C SER C 35 -18.08 2.47 -0.35
N PHE C 36 -17.74 1.89 0.80
CA PHE C 36 -16.97 0.66 0.86
C PHE C 36 -17.70 -0.29 1.81
N PRO C 37 -18.81 -0.89 1.33
CA PRO C 37 -19.64 -1.81 2.12
C PRO C 37 -18.94 -2.94 2.86
N THR C 38 -17.79 -3.39 2.34
CA THR C 38 -17.07 -4.47 3.01
C THR C 38 -16.66 -4.05 4.42
N THR C 39 -16.44 -2.76 4.63
CA THR C 39 -16.02 -2.26 5.94
C THR C 39 -17.08 -2.52 7.02
N LYS C 40 -18.32 -2.74 6.61
CA LYS C 40 -19.39 -3.00 7.57
C LYS C 40 -19.19 -4.33 8.33
N THR C 41 -18.50 -5.27 7.72
CA THR C 41 -18.26 -6.56 8.33
C THR C 41 -17.46 -6.48 9.63
N TYR C 42 -16.81 -5.35 9.87
CA TYR C 42 -16.04 -5.16 11.09
C TYR C 42 -16.99 -4.83 12.24
N PHE C 43 -18.22 -4.46 11.88
CA PHE C 43 -19.25 -4.10 12.87
C PHE C 43 -20.49 -4.99 12.73
N PRO C 44 -20.33 -6.31 12.86
CA PRO C 44 -21.42 -7.28 12.75
C PRO C 44 -22.66 -7.06 13.62
N HIS C 45 -22.49 -6.50 14.81
CA HIS C 45 -23.64 -6.31 15.68
C HIS C 45 -24.12 -4.87 15.83
N PHE C 46 -23.66 -4.01 14.94
CA PHE C 46 -24.04 -2.60 14.98
C PHE C 46 -25.29 -2.30 14.16
N ASP C 47 -25.98 -1.24 14.56
CA ASP C 47 -27.15 -0.76 13.83
C ASP C 47 -26.51 0.29 12.93
N LEU C 48 -26.25 -0.08 11.69
CA LEU C 48 -25.60 0.82 10.74
C LEU C 48 -26.58 1.52 9.80
N SER C 49 -27.86 1.55 10.19
CA SER C 49 -28.87 2.21 9.38
C SER C 49 -28.54 3.69 9.37
N HIS C 50 -29.00 4.39 8.34
CA HIS C 50 -28.73 5.83 8.23
C HIS C 50 -29.29 6.60 9.42
N GLY C 51 -28.50 7.52 9.95
CA GLY C 51 -28.94 8.31 11.09
C GLY C 51 -28.90 7.56 12.40
N SER C 52 -28.44 6.32 12.34
CA SER C 52 -28.31 5.45 13.50
C SER C 52 -27.73 6.17 14.72
N ALA C 53 -28.35 5.96 15.88
CA ALA C 53 -27.85 6.57 17.11
C ALA C 53 -26.50 5.92 17.45
N GLN C 54 -26.39 4.63 17.19
CA GLN C 54 -25.15 3.92 17.47
C GLN C 54 -23.99 4.50 16.66
N VAL C 55 -24.22 4.75 15.37
CA VAL C 55 -23.16 5.31 14.54
C VAL C 55 -22.82 6.72 14.98
N LYS C 56 -23.82 7.46 15.44
CA LYS C 56 -23.59 8.82 15.93
C LYS C 56 -22.64 8.73 17.12
N GLY C 57 -22.91 7.77 18.00
CA GLY C 57 -22.07 7.60 19.17
C GLY C 57 -20.67 7.17 18.81
N HIS C 58 -20.56 6.27 17.85
CA HIS C 58 -19.23 5.80 17.46
C HIS C 58 -18.43 6.91 16.79
N GLY C 59 -19.10 7.77 16.02
CA GLY C 59 -18.43 8.86 15.35
C GLY C 59 -17.77 9.78 16.37
N LYS C 60 -18.44 9.96 17.49
CA LYS C 60 -17.94 10.80 18.57
C LYS C 60 -16.73 10.13 19.20
N LYS C 61 -16.79 8.80 19.32
CA LYS C 61 -15.69 8.04 19.89
C LYS C 61 -14.46 8.24 19.00
N VAL C 62 -14.65 8.01 17.70
CA VAL C 62 -13.57 8.17 16.74
C VAL C 62 -13.02 9.60 16.73
N ALA C 63 -13.93 10.58 16.72
CA ALA C 63 -13.51 11.98 16.70
C ALA C 63 -12.70 12.34 17.95
N ASP C 64 -13.19 11.95 19.11
CA ASP C 64 -12.48 12.25 20.35
C ASP C 64 -11.09 11.63 20.35
N ALA C 65 -10.97 10.41 19.80
CA ALA C 65 -9.68 9.74 19.73
C ALA C 65 -8.72 10.57 18.91
N LEU C 66 -9.19 11.07 17.76
CA LEU C 66 -8.34 11.88 16.91
C LEU C 66 -7.93 13.16 17.64
N THR C 67 -8.84 13.74 18.41
CA THR C 67 -8.52 14.94 19.17
C THR C 67 -7.38 14.61 20.12
N ASN C 68 -7.46 13.44 20.75
CA ASN C 68 -6.43 13.01 21.67
C ASN C 68 -5.12 12.83 20.93
N ALA C 69 -5.17 12.21 19.75
CA ALA C 69 -3.97 12.00 18.96
C ALA C 69 -3.34 13.34 18.57
N VAL C 70 -4.17 14.32 18.23
CA VAL C 70 -3.68 15.64 17.85
C VAL C 70 -2.95 16.30 19.02
N ALA C 71 -3.46 16.10 20.23
CA ALA C 71 -2.84 16.67 21.43
C ALA C 71 -1.52 15.97 21.76
N HIS C 72 -1.34 14.76 21.26
CA HIS C 72 -0.11 14.01 21.51
C HIS C 72 0.56 13.57 20.21
N VAL C 73 0.59 14.48 19.24
CA VAL C 73 1.18 14.17 17.95
C VAL C 73 2.67 13.80 18.07
N ASP C 74 3.28 14.10 19.21
CA ASP C 74 4.69 13.79 19.44
C ASP C 74 4.85 12.59 20.36
N ASP C 75 3.74 11.98 20.74
CA ASP C 75 3.79 10.84 21.64
C ASP C 75 2.59 9.94 21.38
N MET C 76 2.26 9.75 20.11
CA MET C 76 1.12 8.93 19.74
C MET C 76 1.17 7.47 20.18
N PRO C 77 2.28 6.77 19.91
CA PRO C 77 2.33 5.36 20.33
C PRO C 77 1.84 5.13 21.76
N ASN C 78 2.33 5.95 22.69
CA ASN C 78 1.92 5.83 24.08
C ASN C 78 0.47 6.26 24.28
N ALA C 79 0.11 7.38 23.66
CA ALA C 79 -1.25 7.92 23.77
C ALA C 79 -2.33 7.00 23.22
N LEU C 80 -2.04 6.31 22.12
CA LEU C 80 -3.03 5.44 21.48
C LEU C 80 -2.81 3.95 21.72
N SER C 81 -2.00 3.63 22.73
CA SER C 81 -1.70 2.24 23.05
C SER C 81 -2.95 1.37 23.17
N ALA C 82 -3.94 1.84 23.93
CA ALA C 82 -5.17 1.08 24.11
C ALA C 82 -5.92 0.89 22.80
N LEU C 83 -5.90 1.90 21.93
CA LEU C 83 -6.60 1.77 20.66
C LEU C 83 -5.88 0.80 19.74
N SER C 84 -4.57 0.70 19.89
CA SER C 84 -3.80 -0.24 19.07
C SER C 84 -4.13 -1.67 19.51
N ASP C 85 -4.23 -1.88 20.82
CA ASP C 85 -4.57 -3.20 21.36
C ASP C 85 -5.85 -3.67 20.69
N LEU C 86 -6.84 -2.78 20.63
CA LEU C 86 -8.13 -3.08 20.02
C LEU C 86 -8.11 -3.37 18.53
N HIS C 87 -7.61 -2.42 17.74
CA HIS C 87 -7.59 -2.57 16.29
C HIS C 87 -6.56 -3.56 15.73
N ALA C 88 -5.38 -3.60 16.33
CA ALA C 88 -4.31 -4.48 15.86
C ALA C 88 -4.31 -5.88 16.48
N HIS C 89 -4.42 -5.95 17.80
CA HIS C 89 -4.42 -7.24 18.49
C HIS C 89 -5.74 -8.00 18.40
N LYS C 90 -6.84 -7.36 18.79
CA LYS C 90 -8.13 -8.03 18.77
C LYS C 90 -8.85 -8.08 17.43
N LEU C 91 -9.17 -6.91 16.88
CA LEU C 91 -9.89 -6.85 15.61
C LEU C 91 -9.03 -7.22 14.41
N ARG C 92 -7.73 -6.94 14.50
CA ARG C 92 -6.80 -7.22 13.41
C ARG C 92 -7.35 -6.61 12.12
N VAL C 93 -7.59 -5.31 12.17
CA VAL C 93 -8.13 -4.59 11.01
C VAL C 93 -7.10 -4.50 9.89
N ASP C 94 -7.51 -4.91 8.69
CA ASP C 94 -6.64 -4.83 7.53
C ASP C 94 -6.33 -3.36 7.30
N PRO C 95 -5.05 -2.99 7.17
CA PRO C 95 -4.67 -1.59 6.96
C PRO C 95 -5.36 -0.87 5.80
N VAL C 96 -5.77 -1.60 4.78
CA VAL C 96 -6.45 -0.95 3.66
C VAL C 96 -7.69 -0.21 4.16
N ASN C 97 -8.34 -0.77 5.18
CA ASN C 97 -9.54 -0.15 5.73
C ASN C 97 -9.25 1.20 6.38
N PHE C 98 -8.05 1.36 6.95
CA PHE C 98 -7.72 2.64 7.56
C PHE C 98 -7.55 3.71 6.49
N LYS C 99 -7.11 3.30 5.30
CA LYS C 99 -6.94 4.25 4.22
C LYS C 99 -8.32 4.70 3.77
N LEU C 100 -9.28 3.77 3.80
CA LEU C 100 -10.65 4.10 3.40
C LEU C 100 -11.26 5.11 4.36
N LEU C 101 -11.19 4.85 5.67
CA LEU C 101 -11.73 5.80 6.64
C LEU C 101 -10.95 7.12 6.61
N SER C 102 -9.63 7.06 6.44
CA SER C 102 -8.82 8.29 6.38
C SER C 102 -9.30 9.15 5.22
N HIS C 103 -9.56 8.52 4.08
CA HIS C 103 -10.05 9.24 2.90
C HIS C 103 -11.43 9.86 3.19
N CYS C 104 -12.32 9.10 3.82
CA CYS C 104 -13.65 9.63 4.13
C CYS C 104 -13.57 10.79 5.13
N LEU C 105 -12.59 10.76 6.02
CA LEU C 105 -12.43 11.84 6.98
C LEU C 105 -12.05 13.11 6.21
N LEU C 106 -11.11 12.97 5.26
CA LEU C 106 -10.70 14.10 4.46
C LEU C 106 -11.86 14.64 3.62
N VAL C 107 -12.65 13.73 3.03
CA VAL C 107 -13.80 14.15 2.23
C VAL C 107 -14.79 14.94 3.10
N THR C 108 -15.01 14.45 4.33
CA THR C 108 -15.91 15.11 5.27
C THR C 108 -15.39 16.50 5.62
N LEU C 109 -14.09 16.60 5.88
CA LEU C 109 -13.49 17.88 6.21
C LEU C 109 -13.61 18.85 5.04
N ALA C 110 -13.28 18.37 3.84
CA ALA C 110 -13.36 19.21 2.65
C ALA C 110 -14.79 19.68 2.39
N ALA C 111 -15.76 18.85 2.74
CA ALA C 111 -17.17 19.19 2.52
C ALA C 111 -17.71 20.21 3.52
N HIS C 112 -17.11 20.29 4.71
CA HIS C 112 -17.56 21.23 5.73
C HIS C 112 -16.68 22.47 5.93
N LEU C 113 -15.37 22.31 5.78
CA LEU C 113 -14.44 23.42 5.97
C LEU C 113 -13.59 23.71 4.73
N PRO C 114 -14.22 24.16 3.63
CA PRO C 114 -13.52 24.47 2.38
C PRO C 114 -12.36 25.46 2.48
N ALA C 115 -12.55 26.54 3.23
CA ALA C 115 -11.52 27.56 3.38
C ALA C 115 -10.27 27.02 4.08
N GLU C 116 -10.47 26.04 4.95
CA GLU C 116 -9.36 25.44 5.70
C GLU C 116 -8.66 24.33 4.94
N PHE C 117 -9.40 23.68 4.03
CA PHE C 117 -8.86 22.55 3.27
C PHE C 117 -7.99 22.93 2.08
N THR C 118 -6.88 23.61 2.38
CA THR C 118 -5.94 24.03 1.35
C THR C 118 -5.05 22.84 0.98
N PRO C 119 -4.35 22.93 -0.16
CA PRO C 119 -3.49 21.81 -0.57
C PRO C 119 -2.50 21.43 0.52
N ALA C 120 -1.88 22.44 1.13
CA ALA C 120 -0.90 22.20 2.19
C ALA C 120 -1.50 21.51 3.41
N VAL C 121 -2.68 21.97 3.85
CA VAL C 121 -3.35 21.38 5.00
C VAL C 121 -3.85 19.97 4.66
N HIS C 122 -4.31 19.81 3.42
CA HIS C 122 -4.78 18.52 2.91
C HIS C 122 -3.63 17.53 3.04
N ALA C 123 -2.46 17.94 2.54
CA ALA C 123 -1.27 17.10 2.59
C ALA C 123 -0.90 16.72 4.01
N SER C 124 -0.96 17.69 4.92
CA SER C 124 -0.61 17.47 6.31
C SER C 124 -1.59 16.53 7.02
N LEU C 125 -2.88 16.73 6.78
CA LEU C 125 -3.91 15.89 7.37
C LEU C 125 -3.81 14.46 6.87
N ASP C 126 -3.39 14.29 5.63
CA ASP C 126 -3.25 12.94 5.08
C ASP C 126 -2.11 12.20 5.79
N LYS C 127 -0.98 12.88 5.97
CA LYS C 127 0.16 12.25 6.64
C LYS C 127 -0.19 11.91 8.08
N PHE C 128 -0.87 12.84 8.74
CA PHE C 128 -1.29 12.63 10.13
C PHE C 128 -2.18 11.40 10.24
N LEU C 129 -3.22 11.30 9.40
CA LEU C 129 -4.10 10.15 9.46
C LEU C 129 -3.37 8.85 9.11
N ALA C 130 -2.41 8.93 8.18
CA ALA C 130 -1.65 7.74 7.81
C ALA C 130 -0.80 7.34 9.03
N SER C 131 -0.32 8.33 9.76
CA SER C 131 0.50 8.08 10.95
C SER C 131 -0.36 7.40 12.02
N VAL C 132 -1.56 7.94 12.25
CA VAL C 132 -2.48 7.40 13.23
C VAL C 132 -2.84 5.96 12.87
N SER C 133 -3.11 5.73 11.59
CA SER C 133 -3.46 4.41 11.10
C SER C 133 -2.33 3.41 11.36
N THR C 134 -1.11 3.86 11.15
CA THR C 134 0.06 3.02 11.36
C THR C 134 0.12 2.59 12.82
N VAL C 135 -0.08 3.55 13.71
CA VAL C 135 -0.04 3.24 15.14
C VAL C 135 -1.13 2.25 15.52
N LEU C 136 -2.36 2.47 15.03
CA LEU C 136 -3.47 1.58 15.37
C LEU C 136 -3.43 0.18 14.76
N THR C 137 -2.69 0.00 13.67
CA THR C 137 -2.60 -1.30 13.01
C THR C 137 -1.32 -2.06 13.37
N SER C 138 -0.51 -1.49 14.25
CA SER C 138 0.72 -2.15 14.62
C SER C 138 0.68 -2.66 16.06
N LYS C 139 1.20 -3.86 16.27
CA LYS C 139 1.25 -4.46 17.58
C LYS C 139 2.63 -4.15 18.15
N TYR C 140 2.69 -3.20 19.08
CA TYR C 140 3.96 -2.83 19.66
C TYR C 140 4.07 -3.04 21.18
N ARG C 141 3.33 -4.00 21.71
CA ARG C 141 3.40 -4.31 23.14
C ARG C 141 4.19 -5.60 23.38
N VAL D 1 -18.53 -2.21 -16.46
CA VAL D 1 -19.83 -2.87 -16.35
C VAL D 1 -20.30 -2.95 -14.89
N HIS D 2 -20.10 -2.01 -14.02
CA HIS D 2 -20.51 -2.18 -12.69
C HIS D 2 -21.32 -0.99 -12.49
N LEU D 3 -21.77 -0.61 -11.34
CA LEU D 3 -22.56 0.65 -11.38
C LEU D 3 -24.05 0.65 -11.76
N THR D 4 -24.88 0.96 -10.80
CA THR D 4 -26.28 0.84 -10.89
C THR D 4 -26.95 1.92 -11.65
N PRO D 5 -28.22 1.73 -12.02
CA PRO D 5 -28.84 2.80 -12.78
C PRO D 5 -28.90 4.10 -11.98
N GLU D 6 -29.18 3.98 -10.68
CA GLU D 6 -29.27 5.17 -9.84
C GLU D 6 -27.91 5.84 -9.63
N GLU D 7 -26.85 5.04 -9.54
CA GLU D 7 -25.51 5.61 -9.34
C GLU D 7 -25.10 6.37 -10.61
N LYS D 8 -25.45 5.83 -11.77
CA LYS D 8 -25.12 6.49 -13.03
C LYS D 8 -25.83 7.84 -13.10
N SER D 9 -27.10 7.88 -12.73
CA SER D 9 -27.87 9.12 -12.75
C SER D 9 -27.24 10.16 -11.83
N ALA D 10 -26.80 9.72 -10.66
CA ALA D 10 -26.18 10.59 -9.67
C ALA D 10 -24.87 11.17 -10.20
N VAL D 11 -24.04 10.31 -10.78
CA VAL D 11 -22.76 10.75 -11.31
C VAL D 11 -22.96 11.75 -12.46
N THR D 12 -23.82 11.39 -13.41
CA THR D 12 -24.09 12.25 -14.56
C THR D 12 -24.62 13.62 -14.13
N ALA D 13 -25.56 13.62 -13.20
CA ALA D 13 -26.17 14.85 -12.71
C ALA D 13 -25.16 15.77 -12.05
N LEU D 14 -24.30 15.22 -11.20
CA LEU D 14 -23.33 16.07 -10.53
C LEU D 14 -22.30 16.57 -11.53
N TRP D 15 -21.85 15.68 -12.41
CA TRP D 15 -20.83 16.04 -13.39
C TRP D 15 -21.25 17.19 -14.31
N GLY D 16 -22.55 17.35 -14.54
CA GLY D 16 -23.00 18.42 -15.39
C GLY D 16 -22.74 19.79 -14.79
N LYS D 17 -22.40 19.82 -13.49
CA LYS D 17 -22.14 21.08 -12.80
C LYS D 17 -20.65 21.33 -12.56
N VAL D 18 -19.82 20.36 -12.90
CA VAL D 18 -18.38 20.47 -12.71
C VAL D 18 -17.70 21.43 -13.69
N ASN D 19 -16.83 22.28 -13.18
CA ASN D 19 -16.09 23.23 -14.02
C ASN D 19 -14.89 22.51 -14.62
N VAL D 20 -15.03 22.12 -15.89
CA VAL D 20 -14.00 21.40 -16.62
C VAL D 20 -12.63 22.08 -16.74
N ASP D 21 -12.58 23.40 -16.56
CA ASP D 21 -11.30 24.11 -16.68
C ASP D 21 -10.53 24.23 -15.35
N GLU D 22 -11.21 23.98 -14.24
CA GLU D 22 -10.60 24.09 -12.91
C GLU D 22 -10.34 22.81 -12.15
N VAL D 23 -11.36 21.95 -12.03
CA VAL D 23 -11.23 20.73 -11.26
C VAL D 23 -10.04 19.83 -11.56
N GLY D 24 -9.76 19.62 -12.84
CA GLY D 24 -8.63 18.78 -13.22
C GLY D 24 -7.30 19.33 -12.72
N GLY D 25 -7.09 20.63 -12.90
CA GLY D 25 -5.86 21.24 -12.46
C GLY D 25 -5.73 21.17 -10.95
N GLU D 26 -6.85 21.33 -10.26
CA GLU D 26 -6.84 21.27 -8.82
C GLU D 26 -6.53 19.86 -8.34
N ALA D 27 -7.06 18.87 -9.03
CA ALA D 27 -6.85 17.48 -8.66
C ALA D 27 -5.39 17.09 -8.89
N LEU D 28 -4.84 17.40 -10.06
CA LEU D 28 -3.45 17.06 -10.36
C LEU D 28 -2.52 17.85 -9.45
N GLY D 29 -2.82 19.12 -9.24
CA GLY D 29 -2.00 19.94 -8.37
C GLY D 29 -1.93 19.29 -6.99
N ARG D 30 -3.08 18.94 -6.43
CA ARG D 30 -3.10 18.33 -5.10
C ARG D 30 -2.40 16.98 -5.06
N LEU D 31 -2.48 16.21 -6.14
CA LEU D 31 -1.79 14.92 -6.18
C LEU D 31 -0.30 15.14 -5.96
N LEU D 32 0.24 16.12 -6.68
CA LEU D 32 1.66 16.48 -6.61
C LEU D 32 2.08 17.03 -5.26
N VAL D 33 1.16 17.72 -4.59
CA VAL D 33 1.44 18.31 -3.30
C VAL D 33 1.28 17.30 -2.14
N VAL D 34 0.23 16.49 -2.21
CA VAL D 34 -0.03 15.52 -1.15
C VAL D 34 0.84 14.26 -1.23
N TYR D 35 1.21 13.87 -2.44
CA TYR D 35 2.04 12.69 -2.67
C TYR D 35 3.18 13.18 -3.55
N PRO D 36 4.14 13.88 -2.93
CA PRO D 36 5.31 14.47 -3.57
C PRO D 36 6.14 13.66 -4.55
N TRP D 37 6.21 12.34 -4.38
CA TRP D 37 7.00 11.53 -5.29
C TRP D 37 6.44 11.55 -6.71
N THR D 38 5.14 11.88 -6.84
CA THR D 38 4.53 11.92 -8.17
C THR D 38 5.11 13.05 -9.00
N GLN D 39 5.72 14.03 -8.33
CA GLN D 39 6.33 15.16 -9.03
C GLN D 39 7.42 14.69 -9.98
N ARG D 40 8.02 13.55 -9.65
CA ARG D 40 9.09 12.99 -10.46
C ARG D 40 8.65 12.70 -11.90
N PHE D 41 7.38 12.39 -12.11
CA PHE D 41 6.89 12.10 -13.46
C PHE D 41 6.66 13.39 -14.27
N PHE D 42 6.75 14.54 -13.62
CA PHE D 42 6.51 15.82 -14.29
C PHE D 42 7.70 16.77 -14.20
N GLU D 43 8.89 16.21 -14.43
CA GLU D 43 10.15 16.95 -14.39
C GLU D 43 10.21 18.18 -15.27
N SER D 44 9.62 18.11 -16.46
CA SER D 44 9.65 19.22 -17.40
C SER D 44 8.61 20.33 -17.14
N PHE D 45 7.74 20.12 -16.16
CA PHE D 45 6.69 21.09 -15.87
C PHE D 45 7.15 22.37 -15.16
N GLY D 46 8.42 22.41 -14.78
CA GLY D 46 8.92 23.60 -14.12
C GLY D 46 8.92 23.56 -12.61
N ASP D 47 8.61 24.71 -12.01
CA ASP D 47 8.61 24.87 -10.56
C ASP D 47 7.50 24.10 -9.84
N LEU D 48 7.90 23.13 -9.03
CA LEU D 48 6.98 22.31 -8.25
C LEU D 48 7.52 22.27 -6.82
N SER D 49 8.35 23.25 -6.48
CA SER D 49 9.00 23.32 -5.18
C SER D 49 8.13 23.65 -3.97
N THR D 50 6.96 24.22 -4.17
CA THR D 50 6.08 24.54 -3.05
C THR D 50 4.62 24.39 -3.44
N PRO D 51 3.72 24.23 -2.46
CA PRO D 51 2.29 24.07 -2.76
C PRO D 51 1.79 25.17 -3.69
N ASP D 52 2.11 26.43 -3.38
CA ASP D 52 1.68 27.54 -4.22
C ASP D 52 2.31 27.45 -5.61
N ALA D 53 3.56 27.03 -5.67
CA ALA D 53 4.23 26.91 -6.96
C ALA D 53 3.48 25.87 -7.80
N VAL D 54 3.21 24.72 -7.20
CA VAL D 54 2.49 23.66 -7.90
C VAL D 54 1.12 24.12 -8.37
N MET D 55 0.30 24.60 -7.43
CA MET D 55 -1.05 25.02 -7.78
C MET D 55 -1.12 26.19 -8.76
N GLY D 56 -0.04 26.96 -8.87
CA GLY D 56 -0.04 28.10 -9.78
C GLY D 56 0.62 27.81 -11.13
N ASN D 57 1.27 26.66 -11.22
CA ASN D 57 1.97 26.26 -12.45
C ASN D 57 0.99 26.08 -13.62
N PRO D 58 1.15 26.90 -14.68
CA PRO D 58 0.27 26.83 -15.87
C PRO D 58 0.26 25.46 -16.53
N LYS D 59 1.41 24.81 -16.59
CA LYS D 59 1.52 23.50 -17.18
C LYS D 59 0.74 22.46 -16.38
N VAL D 60 0.70 22.63 -15.06
CA VAL D 60 -0.03 21.71 -14.20
C VAL D 60 -1.51 21.92 -14.43
N LYS D 61 -1.92 23.18 -14.53
CA LYS D 61 -3.32 23.49 -14.77
C LYS D 61 -3.74 23.00 -16.15
N ALA D 62 -2.89 23.21 -17.15
CA ALA D 62 -3.18 22.80 -18.52
C ALA D 62 -3.29 21.28 -18.61
N HIS D 63 -2.35 20.57 -18.01
CA HIS D 63 -2.42 19.12 -18.07
C HIS D 63 -3.63 18.58 -17.31
N GLY D 64 -3.94 19.18 -16.17
CA GLY D 64 -5.09 18.74 -15.39
C GLY D 64 -6.36 18.80 -16.23
N LYS D 65 -6.42 19.76 -17.15
CA LYS D 65 -7.56 19.91 -18.02
C LYS D 65 -7.69 18.71 -18.97
N LYS D 66 -6.56 18.19 -19.43
CA LYS D 66 -6.58 17.02 -20.32
C LYS D 66 -7.00 15.79 -19.52
N VAL D 67 -6.50 15.70 -18.29
CA VAL D 67 -6.82 14.59 -17.39
C VAL D 67 -8.32 14.56 -17.13
N LEU D 68 -8.89 15.73 -16.87
CA LEU D 68 -10.32 15.84 -16.58
C LEU D 68 -11.12 15.49 -17.82
N GLY D 69 -10.59 15.85 -18.99
CA GLY D 69 -11.26 15.52 -20.23
C GLY D 69 -11.40 14.02 -20.36
N ALA D 70 -10.35 13.30 -19.95
CA ALA D 70 -10.36 11.84 -20.02
C ALA D 70 -11.38 11.26 -19.04
N PHE D 71 -11.46 11.84 -17.84
CA PHE D 71 -12.44 11.38 -16.86
C PHE D 71 -13.83 11.58 -17.44
N SER D 72 -14.03 12.68 -18.17
CA SER D 72 -15.33 12.97 -18.77
C SER D 72 -15.66 11.91 -19.83
N ASP D 73 -14.64 11.53 -20.59
CA ASP D 73 -14.81 10.53 -21.64
C ASP D 73 -15.27 9.23 -20.99
N GLY D 74 -14.71 8.93 -19.82
CA GLY D 74 -15.09 7.73 -19.11
C GLY D 74 -16.53 7.79 -18.63
N LEU D 75 -16.93 8.92 -18.07
CA LEU D 75 -18.29 9.08 -17.57
C LEU D 75 -19.34 8.99 -18.67
N ALA D 76 -18.92 9.21 -19.91
CA ALA D 76 -19.83 9.14 -21.04
C ALA D 76 -19.90 7.71 -21.57
N HIS D 77 -19.02 6.85 -21.06
CA HIS D 77 -18.97 5.45 -21.47
C HIS D 77 -18.72 4.55 -20.26
N LEU D 78 -19.52 4.74 -19.22
CA LEU D 78 -19.40 3.98 -17.97
C LEU D 78 -19.38 2.47 -18.06
N ASP D 79 -19.97 1.89 -19.11
CA ASP D 79 -19.96 0.44 -19.23
C ASP D 79 -18.77 -0.09 -20.01
N ASN D 80 -17.93 0.81 -20.51
CA ASN D 80 -16.74 0.41 -21.25
C ASN D 80 -15.54 1.29 -20.90
N LEU D 81 -15.19 1.33 -19.62
CA LEU D 81 -14.06 2.13 -19.17
C LEU D 81 -12.76 1.52 -19.67
N LYS D 82 -12.74 0.19 -19.78
CA LYS D 82 -11.55 -0.51 -20.26
C LYS D 82 -11.17 -0.05 -21.66
N GLY D 83 -12.16 0.07 -22.53
CA GLY D 83 -11.89 0.50 -23.88
C GLY D 83 -11.60 1.99 -23.96
N THR D 84 -12.32 2.77 -23.17
CA THR D 84 -12.14 4.22 -23.16
C THR D 84 -10.72 4.63 -22.76
N PHE D 85 -10.10 3.87 -21.88
CA PHE D 85 -8.76 4.18 -21.40
C PHE D 85 -7.65 3.26 -21.90
N ALA D 86 -7.98 2.40 -22.86
CA ALA D 86 -6.99 1.45 -23.40
C ALA D 86 -5.68 2.12 -23.80
N THR D 87 -5.76 3.17 -24.61
CA THR D 87 -4.57 3.87 -25.06
C THR D 87 -3.79 4.53 -23.92
N LEU D 88 -4.53 5.14 -22.99
CA LEU D 88 -3.89 5.79 -21.84
C LEU D 88 -3.19 4.76 -20.97
N SER D 89 -3.76 3.55 -20.90
CA SER D 89 -3.18 2.49 -20.09
C SER D 89 -1.81 2.10 -20.63
N GLU D 90 -1.68 2.03 -21.95
CA GLU D 90 -0.40 1.69 -22.57
C GLU D 90 0.64 2.74 -22.19
N LEU D 91 0.27 4.01 -22.31
CA LEU D 91 1.16 5.12 -21.98
C LEU D 91 1.62 5.13 -20.52
N HIS D 92 0.67 5.06 -19.59
CA HIS D 92 1.00 5.09 -18.17
C HIS D 92 1.70 3.85 -17.64
N CYS D 93 1.36 2.69 -18.20
CA CYS D 93 1.96 1.44 -17.73
C CYS D 93 3.21 1.00 -18.49
N ASP D 94 3.08 0.80 -19.80
CA ASP D 94 4.19 0.36 -20.62
C ASP D 94 5.28 1.43 -20.80
N LYS D 95 4.87 2.66 -21.09
CA LYS D 95 5.82 3.75 -21.32
C LYS D 95 6.34 4.47 -20.08
N LEU D 96 5.43 5.04 -19.28
CA LEU D 96 5.81 5.80 -18.09
C LEU D 96 6.04 4.97 -16.84
N HIS D 97 5.53 3.75 -16.82
CA HIS D 97 5.69 2.87 -15.66
C HIS D 97 5.19 3.46 -14.33
N VAL D 98 4.02 4.10 -14.37
CA VAL D 98 3.45 4.67 -13.15
C VAL D 98 2.85 3.52 -12.35
N ASP D 99 3.26 3.38 -11.09
CA ASP D 99 2.72 2.31 -10.26
C ASP D 99 1.21 2.51 -10.10
N PRO D 100 0.41 1.48 -10.35
CA PRO D 100 -1.05 1.57 -10.23
C PRO D 100 -1.63 2.17 -8.96
N GLU D 101 -0.92 2.07 -7.84
CA GLU D 101 -1.41 2.65 -6.59
C GLU D 101 -1.61 4.14 -6.79
N ASN D 102 -0.79 4.74 -7.65
CA ASN D 102 -0.90 6.17 -7.91
C ASN D 102 -2.21 6.52 -8.63
N PHE D 103 -2.71 5.59 -9.45
CA PHE D 103 -3.98 5.83 -10.16
C PHE D 103 -5.10 5.93 -9.12
N ARG D 104 -5.03 5.10 -8.11
CA ARG D 104 -6.03 5.09 -7.06
C ARG D 104 -5.97 6.38 -6.26
N LEU D 105 -4.74 6.85 -6.01
CA LEU D 105 -4.58 8.08 -5.24
C LEU D 105 -5.16 9.28 -5.99
N LEU D 106 -4.92 9.37 -7.29
CA LEU D 106 -5.45 10.49 -8.07
C LEU D 106 -6.97 10.45 -8.03
N GLY D 107 -7.53 9.24 -8.15
CA GLY D 107 -8.97 9.10 -8.09
C GLY D 107 -9.56 9.64 -6.80
N ASN D 108 -8.93 9.31 -5.68
CA ASN D 108 -9.41 9.77 -4.39
C ASN D 108 -9.15 11.26 -4.17
N VAL D 109 -8.11 11.80 -4.80
CA VAL D 109 -7.85 13.23 -4.66
C VAL D 109 -8.96 13.94 -5.43
N LEU D 110 -9.32 13.41 -6.60
CA LEU D 110 -10.41 14.00 -7.38
C LEU D 110 -11.67 14.03 -6.51
N VAL D 111 -11.93 12.93 -5.81
CA VAL D 111 -13.11 12.87 -4.93
C VAL D 111 -13.00 13.94 -3.85
N CYS D 112 -11.82 14.15 -3.30
CA CYS D 112 -11.67 15.21 -2.29
C CYS D 112 -11.97 16.57 -2.88
N VAL D 113 -11.53 16.78 -4.13
CA VAL D 113 -11.74 18.04 -4.82
C VAL D 113 -13.24 18.26 -5.07
N LEU D 114 -13.94 17.18 -5.44
CA LEU D 114 -15.38 17.30 -5.67
C LEU D 114 -16.07 17.65 -4.35
N ALA D 115 -15.68 16.98 -3.27
CA ALA D 115 -16.25 17.26 -1.96
C ALA D 115 -15.99 18.72 -1.61
N HIS D 116 -14.76 19.17 -1.85
CA HIS D 116 -14.37 20.55 -1.54
C HIS D 116 -15.22 21.58 -2.27
N HIS D 117 -15.45 21.35 -3.56
CA HIS D 117 -16.24 22.29 -4.35
C HIS D 117 -17.74 22.25 -4.07
N PHE D 118 -18.29 21.06 -3.98
CA PHE D 118 -19.73 20.89 -3.77
C PHE D 118 -20.22 20.94 -2.33
N GLY D 119 -19.32 20.74 -1.37
CA GLY D 119 -19.73 20.76 0.01
C GLY D 119 -20.89 19.82 0.30
N LYS D 120 -21.90 20.34 0.98
CA LYS D 120 -23.07 19.55 1.36
C LYS D 120 -23.69 18.77 0.19
N GLU D 121 -23.60 19.32 -1.01
CA GLU D 121 -24.14 18.65 -2.20
C GLU D 121 -23.45 17.31 -2.46
N PHE D 122 -22.20 17.19 -2.04
CA PHE D 122 -21.46 15.96 -2.24
C PHE D 122 -21.83 15.04 -1.08
N THR D 123 -23.03 14.47 -1.19
CA THR D 123 -23.58 13.59 -0.17
C THR D 123 -22.95 12.20 -0.18
N PRO D 124 -23.13 11.44 0.92
CA PRO D 124 -22.56 10.09 0.97
C PRO D 124 -22.94 9.24 -0.24
N PRO D 125 -24.22 9.28 -0.66
CA PRO D 125 -24.61 8.48 -1.82
C PRO D 125 -23.89 8.94 -3.09
N VAL D 126 -23.76 10.24 -3.26
CA VAL D 126 -23.08 10.78 -4.43
C VAL D 126 -21.62 10.33 -4.38
N GLN D 127 -21.01 10.38 -3.19
CA GLN D 127 -19.62 9.95 -3.07
C GLN D 127 -19.47 8.47 -3.40
N ALA D 128 -20.37 7.65 -2.87
CA ALA D 128 -20.29 6.21 -3.11
C ALA D 128 -20.31 5.93 -4.60
N ALA D 129 -21.15 6.66 -5.33
CA ALA D 129 -21.27 6.49 -6.76
C ALA D 129 -19.95 6.87 -7.41
N TYR D 130 -19.39 8.00 -7.01
CA TYR D 130 -18.13 8.44 -7.55
C TYR D 130 -16.96 7.52 -7.17
N GLN D 131 -17.04 6.85 -6.03
CA GLN D 131 -15.95 5.95 -5.68
C GLN D 131 -15.93 4.80 -6.70
N LYS D 132 -17.10 4.41 -7.18
CA LYS D 132 -17.16 3.34 -8.18
C LYS D 132 -16.54 3.80 -9.50
N VAL D 133 -16.80 5.04 -9.87
CA VAL D 133 -16.24 5.60 -11.10
C VAL D 133 -14.72 5.67 -11.06
N VAL D 134 -14.17 6.28 -10.02
CA VAL D 134 -12.72 6.39 -9.95
C VAL D 134 -12.01 5.05 -9.80
N ALA D 135 -12.63 4.10 -9.10
CA ALA D 135 -12.03 2.77 -8.95
C ALA D 135 -12.02 2.09 -10.32
N GLY D 136 -13.07 2.31 -11.09
CA GLY D 136 -13.16 1.73 -12.42
C GLY D 136 -12.16 2.39 -13.37
N VAL D 137 -11.97 3.69 -13.23
CA VAL D 137 -11.02 4.38 -14.08
C VAL D 137 -9.61 3.91 -13.74
N ALA D 138 -9.35 3.76 -12.44
CA ALA D 138 -8.04 3.32 -11.98
C ALA D 138 -7.72 1.92 -12.49
N ASN D 139 -8.70 1.02 -12.41
CA ASN D 139 -8.48 -0.33 -12.86
C ASN D 139 -8.28 -0.38 -14.37
N ALA D 140 -9.05 0.45 -15.09
CA ALA D 140 -8.95 0.49 -16.54
C ALA D 140 -7.55 0.91 -16.95
N LEU D 141 -7.00 1.92 -16.28
CA LEU D 141 -5.66 2.42 -16.57
C LEU D 141 -4.57 1.42 -16.25
N ALA D 142 -4.83 0.55 -15.28
CA ALA D 142 -3.85 -0.45 -14.88
C ALA D 142 -4.02 -1.73 -15.71
N HIS D 143 -4.97 -1.71 -16.63
CA HIS D 143 -5.25 -2.87 -17.47
C HIS D 143 -4.00 -3.50 -18.09
N LYS D 144 -3.09 -2.68 -18.60
CA LYS D 144 -1.87 -3.20 -19.21
C LYS D 144 -0.98 -3.92 -18.21
N TYR D 145 -1.34 -3.84 -16.94
CA TYR D 145 -0.58 -4.50 -15.89
C TYR D 145 -1.19 -5.88 -15.61
N HIS D 146 -2.45 -6.04 -16.00
CA HIS D 146 -3.16 -7.30 -15.80
C HIS D 146 -2.84 -8.31 -16.89
C CMO E . 19.62 2.86 -2.23
O CMO E . 20.03 1.82 -2.76
CHA HEM F . 21.56 6.36 -2.28
CHB HEM F . 20.25 3.84 1.66
CHC HEM F . 16.16 2.47 -0.69
CHD HEM F . 17.60 4.81 -4.70
C1A HEM F . 21.58 5.75 -1.02
C2A HEM F . 22.68 5.84 -0.05
C3A HEM F . 22.32 5.14 1.06
C4A HEM F . 20.98 4.62 0.78
CMA HEM F . 23.16 4.94 2.32
CAA HEM F . 24.00 6.58 -0.20
CBA HEM F . 23.92 8.00 0.31
CGA HEM F . 25.27 8.70 0.29
O1A HEM F . 26.14 8.31 1.10
O2A HEM F . 25.46 9.61 -0.53
C1B HEM F . 18.99 3.25 1.35
C2B HEM F . 18.21 2.47 2.28
C3B HEM F . 17.10 2.04 1.63
C4B HEM F . 17.16 2.62 0.30
CMB HEM F . 18.55 2.17 3.73
CAB HEM F . 16.13 1.17 2.13
CBB HEM F . 15.29 1.54 3.24
C1C HEM F . 16.21 2.96 -2.01
C2C HEM F . 15.18 2.73 -3.03
C3C HEM F . 15.61 3.35 -4.20
C4C HEM F . 16.88 3.99 -3.84
CMC HEM F . 13.92 1.88 -2.84
CAC HEM F . 15.06 3.35 -5.48
CBC HEM F . 14.59 2.17 -6.15
C1D HEM F . 18.78 5.47 -4.37
C2D HEM F . 19.56 6.27 -5.30
C3D HEM F . 20.64 6.71 -4.61
C4D HEM F . 20.57 6.18 -3.27
CMD HEM F . 19.18 6.59 -6.73
CAD HEM F . 21.72 7.63 -5.16
CBD HEM F . 22.92 6.86 -5.66
CGD HEM F . 24.01 7.80 -6.16
O1D HEM F . 23.76 8.52 -7.14
O2D HEM F . 25.11 7.80 -5.58
NA HEM F . 20.57 4.97 -0.52
NB HEM F . 18.33 3.35 0.14
NC HEM F . 17.23 3.74 -2.50
ND HEM F . 19.43 5.41 -3.13
FE HEM F . 18.88 4.39 -1.49
C7 GJ1 G . 6.34 2.85 10.86
C6 GJ1 G . 6.06 2.95 9.46
C5 GJ1 G . 5.37 1.92 8.78
C4 GJ1 G . 4.95 0.74 9.48
C2 GJ1 G . 5.91 1.67 11.58
C13 GJ1 G . 9.61 5.22 12.78
C11 GJ1 G . 7.87 4.87 10.95
C1 GJ1 G . 6.19 1.51 13.07
C3 GJ1 G . 5.22 0.63 10.88
O8 GJ1 G . 4.27 -0.30 8.83
C9 GJ1 G . 3.30 0.10 7.83
O10 GJ1 G . 7.03 3.86 11.57
C12 GJ1 G . 8.49 5.73 12.06
C14 GJ1 G . 10.18 6.01 13.80
C15 GJ1 G . 9.66 7.30 14.09
C16 GJ1 G . 8.54 7.77 13.35
N17 GJ1 G . 7.99 6.98 12.36
C18 GJ1 G . 7.93 9.16 13.63
O19 GJ1 G . 8.66 9.80 14.70
C CMO H . -5.58 -19.27 0.60
O CMO H . -4.88 -19.57 1.56
CHA HEM I . -9.16 -21.04 -0.19
CHB HEM I . -5.28 -20.62 -3.13
CHC HEM I . -4.45 -16.14 -1.40
CHD HEM I . -8.03 -16.79 1.88
C1A HEM I . -8.15 -21.33 -1.11
C2A HEM I . -8.04 -22.57 -1.84
C3A HEM I . -6.94 -22.47 -2.64
C4A HEM I . -6.36 -21.16 -2.41
CMA HEM I . -6.39 -23.57 -3.54
CAA HEM I . -8.98 -23.76 -1.71
CBA HEM I . -10.21 -23.55 -2.56
CGA HEM I . -11.15 -24.74 -2.57
O1A HEM I . -12.24 -24.63 -3.15
O2A HEM I . -10.79 -25.78 -1.97
C1B HEM I . -4.74 -19.35 -2.95
C2B HEM I . -3.64 -18.79 -3.74
C3B HEM I . -3.40 -17.54 -3.28
C4B HEM I . -4.38 -17.30 -2.20
CMB HEM I . -2.93 -19.43 -4.93
CAB HEM I . -2.36 -16.73 -3.76
CBB HEM I . -2.48 -15.36 -4.11
C1C HEM I . -5.33 -15.95 -0.32
C2C HEM I . -5.27 -14.81 0.58
C3C HEM I . -6.27 -14.97 1.48
C4C HEM I . -6.94 -16.24 1.17
CMC HEM I . -4.30 -13.62 0.51
CAC HEM I . -6.67 -14.06 2.45
CBC HEM I . -5.81 -13.50 3.46
C1D HEM I . -8.64 -18.01 1.61
C2D HEM I . -9.76 -18.56 2.36
C3D HEM I . -10.07 -19.74 1.77
C4D HEM I . -9.17 -19.92 0.65
CMD HEM I . -10.52 -17.91 3.52
CAD HEM I . -11.15 -20.67 2.31
CBD HEM I . -10.63 -21.73 3.25
CGD HEM I . -11.76 -22.49 3.93
O1D HEM I . -12.40 -21.94 4.85
O2D HEM I . -12.02 -23.65 3.53
NA HEM I . -7.09 -20.48 -1.43
NB HEM I . -5.17 -18.42 -2.00
NC HEM I . -6.34 -16.83 0.06
ND HEM I . -8.27 -18.88 0.59
FE HEM I . -6.74 -18.63 -0.72
C CMO J . -13.52 2.89 14.51
O CMO J . -14.50 3.28 13.90
CHA HEM K . -13.70 1.00 17.93
CHB HEM K . -11.06 4.93 16.81
CHC HEM K . -10.39 3.18 12.33
CHD HEM K . -13.05 -0.74 13.43
C1A HEM K . -13.07 2.25 18.00
C2A HEM K . -13.10 3.14 19.14
C3A HEM K . -12.37 4.22 18.84
C4A HEM K . -11.87 4.02 17.50
CMA HEM K . -12.26 5.47 19.72
CAA HEM K . -13.84 2.92 20.47
CBA HEM K . -13.02 2.06 21.40
CGA HEM K . -13.77 1.69 22.66
O1A HEM K . -14.91 1.19 22.55
O2A HEM K . -13.23 1.92 23.77
C1B HEM K . -10.60 4.77 15.51
C2B HEM K . -9.74 5.71 14.83
C3B HEM K . -9.52 5.21 13.58
C4B HEM K . -10.26 3.96 13.49
CMB HEM K . -9.15 6.99 15.46
CAB HEM K . -8.73 5.77 12.58
CBB HEM K . -8.78 7.15 12.18
C1C HEM K . -11.11 1.99 12.22
C2C HEM K . -11.22 1.19 11.02
C3C HEM K . -11.98 0.07 11.32
C4C HEM K . -12.29 0.20 12.72
CMC HEM K . -10.62 1.56 9.65
CAC HEM K . -12.43 -0.95 10.46
CBC HEM K . -13.03 -0.71 9.17
C1D HEM K . -13.44 -0.61 14.74
C2D HEM K . -14.29 -1.55 15.43
C3D HEM K . -14.43 -1.08 16.69
C4D HEM K . -13.73 0.17 16.78
CMD HEM K . -14.89 -2.85 14.87
CAD HEM K . -15.16 -1.77 17.84
CBD HEM K . -16.66 -1.62 17.70
CGD HEM K . -17.41 -2.38 18.76
O1D HEM K . -17.59 -1.83 19.88
O2D HEM K . -17.80 -3.53 18.50
NA HEM K . -12.32 2.81 16.99
NB HEM K . -10.88 3.68 14.68
NC HEM K . -11.77 1.37 13.26
ND HEM K . -13.11 0.46 15.58
FE HEM K . -11.99 2.03 15.15
C7 GJ1 L . 3.96 7.40 9.87
C6 GJ1 L . 3.25 6.34 9.21
C5 GJ1 L . 2.88 6.44 7.84
C4 GJ1 L . 3.22 7.60 7.09
C2 GJ1 L . 4.31 8.58 9.11
C13 GJ1 L . 4.07 7.90 14.40
C11 GJ1 L . 3.63 6.57 12.25
C1 GJ1 L . 5.06 9.74 9.74
C3 GJ1 L . 3.94 8.67 7.73
O8 GJ1 L . 2.85 7.67 5.73
C9 GJ1 L . 2.45 8.98 5.24
O10 GJ1 L . 4.34 7.33 11.24
C12 GJ1 L . 4.34 6.76 13.60
C14 GJ1 L . 4.76 8.05 15.64
C15 GJ1 L . 5.69 7.07 16.06
C16 GJ1 L . 5.94 5.94 15.23
N17 GJ1 L . 5.26 5.82 14.03
C18 GJ1 L . 6.94 4.84 15.63
O19 GJ1 L . 7.55 5.15 16.90
C CMO M . -1.93 12.36 -15.71
O CMO M . -1.89 13.32 -14.96
CHA HEM N . -0.41 11.97 -19.51
CHB HEM N . -4.92 10.99 -17.95
CHC HEM N . -3.11 9.29 -13.82
CHD HEM N . 1.33 10.75 -15.13
C1A HEM N . -1.83 11.87 -19.45
C2A HEM N . -2.74 12.30 -20.47
C3A HEM N . -4.00 12.07 -20.00
C4A HEM N . -3.85 11.49 -18.70
CMA HEM N . -5.34 12.33 -20.70
CAA HEM N . -2.37 12.86 -21.83
CBA HEM N . -1.81 11.77 -22.74
CGA HEM N . -1.28 12.32 -24.05
O1A HEM N . -2.06 12.96 -24.78
O2A HEM N . -0.08 12.12 -24.34
C1B HEM N . -4.83 10.38 -16.72
C2B HEM N . -5.95 9.87 -15.97
C3B HEM N . -5.48 9.38 -14.79
C4B HEM N . -4.01 9.58 -14.84
CMB HEM N . -7.40 9.82 -16.41
CAB HEM N . -6.28 8.83 -13.79
CBB HEM N . -5.93 7.76 -12.90
C1C HEM N . -1.74 9.61 -13.77
C2C HEM N . -0.87 9.37 -12.64
C3C HEM N . 0.39 9.75 -13.02
C4C HEM N . 0.27 10.27 -14.36
CMC HEM N . -1.30 8.83 -11.28
CAC HEM N . 1.58 9.62 -12.29
CBC HEM N . 1.68 9.82 -10.88
C1D HEM N . 1.24 11.20 -16.45
C2D HEM N . 2.37 11.68 -17.23
C3D HEM N . 1.87 12.00 -18.45
C4D HEM N . 0.45 11.71 -18.44
CMD HEM N . 3.81 11.83 -16.77
CAD HEM N . 2.64 12.65 -19.57
CBD HEM N . 2.76 14.14 -19.29
CGD HEM N . 3.64 14.84 -20.30
O1D HEM N . 3.19 15.05 -21.45
O2D HEM N . 4.78 15.17 -19.94
NA HEM N . -2.52 11.38 -18.35
NB HEM N . -3.66 10.19 -16.03
NC HEM N . -1.04 10.17 -14.82
ND HEM N . 0.07 11.25 -17.20
FE HEM N . -1.78 10.73 -16.59
#